data_9DAH
#
_entry.id   9DAH
#
_cell.length_a   74.083
_cell.length_b   133.902
_cell.length_c   63.123
_cell.angle_alpha   90.000
_cell.angle_beta   109.461
_cell.angle_gamma   90.000
#
_symmetry.space_group_name_H-M   'C 1 2 1'
#
loop_
_entity.id
_entity.type
_entity.pdbx_description
1 polymer 'L-asparaginase 2'
2 non-polymer 'ASPARTIC ACID'
3 water water
#
_entity_poly.entity_id   1
_entity_poly.type   'polypeptide(L)'
_entity_poly.pdbx_seq_one_letter_code
;LPNITILATGGTIAGGGDSATKSNYTAGKVGVENLVNAVPQLKDIANVKGEQVVNIGSQDMNDDVWLTLAKKINTDCDKT
DGFVITHGTDTMEETAYFLDLTVKCDKPVVMVGAMRPSTSMSADGPFNLYNAVVTAADKASANRGVLVVMNDTVLDGRDV
TKTNTTDVATFKSVNYGPLGYIHNGKIDYQRTPARKHTSDTPFDVSKLNELPKVGIVYNYANASDLPAKALVDAGYDGIV
SAGVGNGNLYKTVFDTLATAAKNGTAVVRSSRVPTGATTQDAEVDDAKYGFVASGTLNPQKARVLLQLALTQTKDPQQIQ
QIFNQY
;
_entity_poly.pdbx_strand_id   A,B
#
# COMPACT_ATOMS: atom_id res chain seq x y z
N LEU A 1 29.17 10.87 -11.52
CA LEU A 1 27.97 10.01 -11.71
C LEU A 1 28.43 8.56 -11.81
N PRO A 2 27.74 7.62 -11.12
CA PRO A 2 28.06 6.20 -11.21
C PRO A 2 27.71 5.60 -12.57
N ASN A 3 28.39 4.51 -12.93
CA ASN A 3 27.98 3.69 -14.06
C ASN A 3 27.01 2.59 -13.62
N ILE A 4 25.81 2.58 -14.22
CA ILE A 4 24.78 1.62 -13.85
C ILE A 4 24.34 0.87 -15.10
N THR A 5 24.55 -0.45 -15.10
CA THR A 5 24.04 -1.32 -16.14
C THR A 5 22.62 -1.75 -15.78
N ILE A 6 21.73 -1.81 -16.79
CA ILE A 6 20.38 -2.32 -16.64
C ILE A 6 20.25 -3.63 -17.42
N LEU A 7 20.14 -4.75 -16.67
CA LEU A 7 19.85 -6.06 -17.25
C LEU A 7 18.33 -6.21 -17.35
N ALA A 8 17.79 -6.03 -18.58
CA ALA A 8 16.36 -6.08 -18.83
C ALA A 8 15.88 -7.47 -19.23
N THR A 9 14.85 -7.96 -18.54
CA THR A 9 14.35 -9.32 -18.72
C THR A 9 12.93 -9.24 -19.30
N GLY A 10 12.24 -8.10 -19.11
CA GLY A 10 10.91 -7.93 -19.68
C GLY A 10 9.89 -7.40 -18.68
N GLY A 11 8.78 -8.13 -18.50
CA GLY A 11 7.73 -7.71 -17.57
C GLY A 11 6.86 -6.59 -18.14
N THR A 12 6.09 -5.96 -17.25
CA THR A 12 5.08 -4.97 -17.62
C THR A 12 5.70 -3.57 -17.70
N ILE A 13 6.73 -3.37 -16.86
CA ILE A 13 7.56 -2.19 -16.99
C ILE A 13 7.83 -1.99 -18.47
N ALA A 14 7.99 -3.10 -19.19
CA ALA A 14 8.29 -3.13 -20.61
C ALA A 14 7.12 -3.74 -21.40
N GLY A 15 5.91 -3.71 -20.81
CA GLY A 15 4.71 -4.20 -21.47
C GLY A 15 3.93 -3.05 -22.11
N GLY A 16 2.89 -3.40 -22.89
CA GLY A 16 2.12 -2.41 -23.65
C GLY A 16 0.67 -2.86 -23.84
N GLY A 17 -0.23 -1.88 -23.76
CA GLY A 17 -1.59 -2.01 -24.25
C GLY A 17 -1.90 -1.05 -25.41
N ASP A 18 -3.13 -1.17 -25.94
CA ASP A 18 -3.63 -0.28 -26.98
C ASP A 18 -4.28 0.94 -26.34
N SER A 19 -4.22 1.03 -24.99
CA SER A 19 -4.98 2.02 -24.25
C SER A 19 -4.31 2.35 -22.91
N ALA A 20 -4.40 3.64 -22.53
CA ALA A 20 -4.00 4.13 -21.22
C ALA A 20 -5.12 3.93 -20.19
N THR A 21 -6.34 3.62 -20.66
CA THR A 21 -7.54 3.50 -19.84
C THR A 21 -8.00 2.04 -19.65
N LYS A 22 -7.69 1.16 -20.61
CA LYS A 22 -8.01 -0.26 -20.53
C LYS A 22 -6.87 -1.02 -19.85
N SER A 23 -7.14 -2.23 -19.36
CA SER A 23 -6.20 -2.98 -18.52
C SER A 23 -5.52 -4.12 -19.28
N ASN A 24 -5.84 -4.27 -20.58
CA ASN A 24 -5.45 -5.43 -21.39
C ASN A 24 -4.08 -5.15 -22.00
N TYR A 25 -3.11 -6.02 -21.71
CA TYR A 25 -1.74 -5.77 -22.14
C TYR A 25 -0.97 -7.07 -22.36
N THR A 26 0.21 -6.91 -22.98
CA THR A 26 1.17 -7.98 -23.19
C THR A 26 2.51 -7.58 -22.56
N ALA A 27 3.04 -8.47 -21.73
CA ALA A 27 4.27 -8.21 -20.99
C ALA A 27 5.49 -8.35 -21.90
N GLY A 28 6.55 -7.58 -21.58
CA GLY A 28 7.85 -7.64 -22.22
C GLY A 28 7.84 -7.60 -23.76
N LYS A 29 7.22 -6.58 -24.36
CA LYS A 29 7.27 -6.31 -25.80
C LYS A 29 8.05 -5.02 -26.10
N VAL A 30 8.72 -4.48 -25.08
CA VAL A 30 9.43 -3.22 -25.23
C VAL A 30 10.91 -3.46 -24.90
N GLY A 31 11.77 -2.92 -25.76
CA GLY A 31 13.22 -3.05 -25.63
C GLY A 31 13.76 -2.24 -24.45
N VAL A 32 15.03 -2.48 -24.11
CA VAL A 32 15.59 -1.87 -22.92
C VAL A 32 15.80 -0.39 -23.21
N GLU A 33 16.17 -0.07 -24.46
CA GLU A 33 16.56 1.28 -24.82
C GLU A 33 15.34 2.19 -24.74
N ASN A 34 14.15 1.67 -25.05
CA ASN A 34 12.92 2.45 -24.90
C ASN A 34 12.71 2.87 -23.45
N LEU A 35 12.94 1.94 -22.52
CA LEU A 35 12.70 2.16 -21.09
C LEU A 35 13.57 3.32 -20.61
N VAL A 36 14.84 3.25 -21.02
CA VAL A 36 15.86 4.22 -20.64
C VAL A 36 15.52 5.61 -21.16
N ASN A 37 14.97 5.71 -22.38
CA ASN A 37 14.81 6.98 -23.06
C ASN A 37 13.50 7.67 -22.65
N ALA A 38 12.58 6.91 -22.05
CA ALA A 38 11.34 7.49 -21.59
C ALA A 38 11.53 8.02 -20.17
N VAL A 39 12.74 7.83 -19.61
CA VAL A 39 13.11 8.35 -18.30
C VAL A 39 14.44 9.08 -18.40
N PRO A 40 14.48 10.23 -19.12
CA PRO A 40 15.75 10.93 -19.39
C PRO A 40 16.35 11.61 -18.16
N GLN A 41 15.64 11.51 -17.02
CA GLN A 41 16.11 12.07 -15.76
C GLN A 41 17.17 11.14 -15.14
N LEU A 42 17.23 9.92 -15.63
CA LEU A 42 18.32 9.02 -15.33
C LEU A 42 19.68 9.69 -15.58
N LYS A 43 19.72 10.70 -16.47
CA LYS A 43 20.97 11.28 -16.91
C LYS A 43 21.62 12.04 -15.76
N ASP A 44 20.78 12.62 -14.88
CA ASP A 44 21.26 13.47 -13.82
C ASP A 44 21.94 12.67 -12.71
N ILE A 45 21.68 11.34 -12.67
CA ILE A 45 22.05 10.54 -11.51
C ILE A 45 22.98 9.39 -11.87
N ALA A 46 22.98 8.95 -13.15
CA ALA A 46 23.92 7.91 -13.57
C ALA A 46 24.21 7.92 -15.08
N ASN A 47 25.31 7.24 -15.41
CA ASN A 47 25.61 6.82 -16.77
C ASN A 47 25.04 5.41 -16.94
N VAL A 48 23.91 5.36 -17.62
CA VAL A 48 23.14 4.14 -17.75
C VAL A 48 23.53 3.42 -19.03
N LYS A 49 23.51 2.09 -19.02
CA LYS A 49 23.52 1.35 -20.27
C LYS A 49 22.60 0.14 -20.13
N GLY A 50 21.70 -0.04 -21.10
CA GLY A 50 20.77 -1.15 -21.06
C GLY A 50 21.17 -2.27 -22.02
N GLU A 51 21.32 -3.49 -21.48
CA GLU A 51 21.46 -4.72 -22.26
C GLU A 51 20.20 -5.55 -22.04
N GLN A 52 19.70 -6.10 -23.16
CA GLN A 52 18.56 -6.98 -23.20
C GLN A 52 19.07 -8.40 -22.99
N VAL A 53 18.52 -9.10 -22.01
CA VAL A 53 18.94 -10.44 -21.71
C VAL A 53 17.89 -11.38 -22.27
N VAL A 54 16.62 -11.09 -21.93
CA VAL A 54 15.46 -11.75 -22.52
C VAL A 54 14.35 -10.71 -22.56
N ASN A 55 13.17 -11.10 -23.06
CA ASN A 55 12.05 -10.16 -23.13
C ASN A 55 10.77 -10.95 -22.92
N ILE A 56 10.67 -11.55 -21.72
CA ILE A 56 9.56 -12.43 -21.42
C ILE A 56 8.72 -11.73 -20.38
N GLY A 57 7.47 -12.23 -20.28
CA GLY A 57 6.63 -12.04 -19.11
C GLY A 57 7.19 -12.95 -18.01
N SER A 58 7.43 -12.40 -16.81
CA SER A 58 8.08 -13.18 -15.76
C SER A 58 7.24 -14.38 -15.32
N GLN A 59 5.95 -14.46 -15.63
CA GLN A 59 5.24 -15.70 -15.38
C GLN A 59 5.93 -16.88 -16.09
N ASP A 60 6.74 -16.62 -17.14
CA ASP A 60 7.39 -17.70 -17.87
C ASP A 60 8.86 -17.86 -17.43
N MET A 61 9.26 -17.20 -16.35
CA MET A 61 10.66 -17.18 -15.96
C MET A 61 11.07 -18.60 -15.59
N ASN A 62 12.34 -18.93 -15.78
CA ASN A 62 12.79 -20.31 -15.63
C ASN A 62 14.26 -20.31 -15.19
N ASP A 63 14.76 -21.52 -14.87
CA ASP A 63 16.09 -21.73 -14.33
C ASP A 63 17.20 -21.18 -15.25
N ASP A 64 16.95 -21.06 -16.56
CA ASP A 64 17.99 -20.70 -17.49
C ASP A 64 18.22 -19.20 -17.42
N VAL A 65 17.14 -18.43 -17.43
CA VAL A 65 17.33 -17.00 -17.29
C VAL A 65 18.08 -16.67 -16.01
N TRP A 66 17.87 -17.44 -14.94
CA TRP A 66 18.49 -17.16 -13.65
C TRP A 66 19.98 -17.46 -13.71
N LEU A 67 20.32 -18.62 -14.27
CA LEU A 67 21.72 -18.95 -14.50
C LEU A 67 22.38 -17.90 -15.39
N THR A 68 21.69 -17.48 -16.47
CA THR A 68 22.20 -16.43 -17.34
C THR A 68 22.40 -15.20 -16.49
N LEU A 69 21.33 -14.68 -15.90
CA LEU A 69 21.42 -13.41 -15.17
C LEU A 69 22.63 -13.44 -14.24
N ALA A 70 22.71 -14.49 -13.43
CA ALA A 70 23.63 -14.54 -12.31
C ALA A 70 25.08 -14.43 -12.79
N LYS A 71 25.47 -15.32 -13.70
CA LYS A 71 26.86 -15.36 -14.14
C LYS A 71 27.18 -14.08 -14.90
N LYS A 72 26.25 -13.61 -15.74
CA LYS A 72 26.42 -12.35 -16.44
C LYS A 72 26.73 -11.20 -15.47
N ILE A 73 26.15 -11.22 -14.26
CA ILE A 73 26.36 -10.19 -13.25
C ILE A 73 27.71 -10.38 -12.59
N ASN A 74 28.11 -11.63 -12.38
CA ASN A 74 29.34 -11.97 -11.69
C ASN A 74 30.52 -11.68 -12.62
N THR A 75 30.39 -12.11 -13.88
CA THR A 75 31.33 -11.85 -14.97
C THR A 75 31.51 -10.34 -15.20
N ASP A 76 30.44 -9.60 -15.55
CA ASP A 76 30.50 -8.16 -15.82
C ASP A 76 30.58 -7.33 -14.54
N CYS A 77 30.86 -7.97 -13.40
CA CYS A 77 30.86 -7.29 -12.11
C CYS A 77 31.68 -5.99 -12.13
N ASP A 78 32.99 -6.03 -12.43
CA ASP A 78 33.83 -4.85 -12.29
C ASP A 78 33.91 -4.02 -13.58
N LYS A 79 32.91 -4.15 -14.47
CA LYS A 79 32.76 -3.22 -15.60
C LYS A 79 31.80 -2.10 -15.23
N THR A 80 31.23 -2.15 -14.01
CA THR A 80 30.17 -1.20 -13.67
C THR A 80 30.15 -0.94 -12.18
N ASP A 81 29.44 0.13 -11.80
CA ASP A 81 29.33 0.54 -10.41
C ASP A 81 28.05 -0.03 -9.78
N GLY A 82 27.21 -0.70 -10.60
CA GLY A 82 25.90 -1.14 -10.12
C GLY A 82 25.05 -1.72 -11.24
N PHE A 83 24.11 -2.61 -10.83
CA PHE A 83 23.12 -3.23 -11.71
C PHE A 83 21.68 -2.98 -11.23
N VAL A 84 20.83 -2.80 -12.25
CA VAL A 84 19.39 -2.68 -12.15
C VAL A 84 18.76 -3.74 -13.06
N ILE A 85 17.90 -4.61 -12.50
CA ILE A 85 17.25 -5.60 -13.35
C ILE A 85 15.78 -5.20 -13.56
N THR A 86 15.40 -4.87 -14.78
CA THR A 86 13.98 -4.76 -15.07
C THR A 86 13.42 -6.18 -15.23
N HIS A 87 12.22 -6.44 -14.72
CA HIS A 87 11.72 -7.80 -14.58
C HIS A 87 10.24 -7.67 -14.30
N GLY A 88 9.50 -8.68 -14.77
CA GLY A 88 8.08 -8.80 -14.45
C GLY A 88 7.93 -8.91 -12.94
N THR A 89 6.75 -8.52 -12.46
CA THR A 89 6.49 -8.56 -11.02
C THR A 89 6.09 -9.96 -10.51
N ASP A 90 5.50 -10.83 -11.36
CA ASP A 90 4.94 -12.10 -10.90
C ASP A 90 5.99 -13.00 -10.22
N THR A 91 7.18 -13.17 -10.78
CA THR A 91 8.14 -14.05 -10.15
C THR A 91 9.33 -13.30 -9.59
N MET A 92 9.25 -11.98 -9.56
CA MET A 92 10.38 -11.16 -9.12
C MET A 92 10.87 -11.58 -7.75
N GLU A 93 9.98 -11.88 -6.81
CA GLU A 93 10.43 -12.35 -5.51
C GLU A 93 11.35 -13.55 -5.68
N GLU A 94 11.04 -14.43 -6.64
CA GLU A 94 11.80 -15.65 -6.78
C GLU A 94 13.19 -15.37 -7.37
N THR A 95 13.24 -14.49 -8.39
CA THR A 95 14.53 -14.15 -8.96
C THR A 95 15.39 -13.41 -7.94
N ALA A 96 14.81 -12.47 -7.22
CA ALA A 96 15.56 -11.64 -6.31
C ALA A 96 16.33 -12.55 -5.35
N TYR A 97 15.59 -13.50 -4.79
CA TYR A 97 16.18 -14.33 -3.75
C TYR A 97 17.29 -15.17 -4.35
N PHE A 98 17.12 -15.57 -5.62
CA PHE A 98 18.04 -16.46 -6.31
C PHE A 98 19.35 -15.74 -6.55
N LEU A 99 19.25 -14.53 -7.11
CA LEU A 99 20.40 -13.67 -7.25
C LEU A 99 20.96 -13.33 -5.87
N ASP A 100 20.09 -13.21 -4.84
CA ASP A 100 20.53 -12.97 -3.46
C ASP A 100 21.54 -14.02 -3.01
N LEU A 101 21.37 -15.28 -3.44
CA LEU A 101 22.18 -16.41 -2.99
C LEU A 101 23.34 -16.70 -3.95
N THR A 102 23.21 -16.32 -5.23
CA THR A 102 24.14 -16.71 -6.28
C THR A 102 25.11 -15.59 -6.70
N VAL A 103 24.73 -14.31 -6.51
CA VAL A 103 25.53 -13.16 -6.95
C VAL A 103 26.78 -12.99 -6.05
N LYS A 104 27.98 -13.25 -6.59
CA LYS A 104 29.23 -13.16 -5.82
C LYS A 104 29.84 -11.78 -5.95
N CYS A 105 29.26 -10.99 -6.85
CA CYS A 105 29.53 -9.58 -7.07
C CYS A 105 29.22 -8.77 -5.80
N ASP A 106 30.03 -7.75 -5.55
CA ASP A 106 30.01 -6.97 -4.33
C ASP A 106 29.41 -5.59 -4.58
N LYS A 107 28.52 -5.45 -5.57
CA LYS A 107 27.92 -4.17 -5.91
C LYS A 107 26.39 -4.25 -5.87
N PRO A 108 25.69 -3.11 -5.64
CA PRO A 108 24.23 -3.09 -5.57
C PRO A 108 23.57 -3.75 -6.76
N VAL A 109 22.80 -4.79 -6.51
CA VAL A 109 22.01 -5.35 -7.58
C VAL A 109 20.57 -5.06 -7.22
N VAL A 110 19.89 -4.30 -8.07
CA VAL A 110 18.56 -3.86 -7.74
C VAL A 110 17.57 -4.28 -8.82
N MET A 111 16.46 -4.87 -8.36
CA MET A 111 15.41 -5.37 -9.22
C MET A 111 14.26 -4.38 -9.17
N VAL A 112 13.60 -4.25 -10.31
CA VAL A 112 12.55 -3.28 -10.50
C VAL A 112 11.63 -3.78 -11.59
N GLY A 113 10.33 -3.45 -11.36
CA GLY A 113 9.24 -3.82 -12.22
C GLY A 113 8.13 -2.80 -11.99
N ALA A 114 7.00 -3.09 -12.66
CA ALA A 114 5.89 -2.17 -12.69
C ALA A 114 4.64 -3.01 -12.69
N MET A 115 3.58 -2.42 -12.14
CA MET A 115 2.30 -3.11 -12.10
C MET A 115 1.38 -2.52 -13.18
N ARG A 116 1.65 -1.30 -13.61
CA ARG A 116 0.88 -0.78 -14.74
C ARG A 116 1.77 -0.74 -15.96
N PRO A 117 1.23 -1.07 -17.14
CA PRO A 117 2.01 -0.97 -18.39
C PRO A 117 2.40 0.48 -18.69
N SER A 118 3.44 0.68 -19.51
CA SER A 118 3.98 2.01 -19.83
C SER A 118 2.98 2.89 -20.56
N THR A 119 2.02 2.27 -21.25
CA THR A 119 1.01 3.00 -21.99
C THR A 119 -0.06 3.55 -21.07
N SER A 120 -0.14 2.96 -19.86
CA SER A 120 -1.21 3.21 -18.90
C SER A 120 -1.10 4.60 -18.29
N MET A 121 -2.26 5.20 -18.01
CA MET A 121 -2.35 6.44 -17.27
C MET A 121 -1.69 6.26 -15.90
N SER A 122 -0.92 7.26 -15.47
CA SER A 122 -0.20 7.22 -14.19
C SER A 122 0.62 5.94 -14.04
N ALA A 123 1.42 5.60 -15.05
CA ALA A 123 2.20 4.39 -15.07
C ALA A 123 3.33 4.47 -14.04
N ASP A 124 3.55 3.39 -13.28
CA ASP A 124 4.41 3.43 -12.13
C ASP A 124 5.88 3.23 -12.48
N GLY A 125 6.17 2.92 -13.75
CA GLY A 125 7.44 2.34 -14.13
C GLY A 125 8.52 3.36 -14.44
N PRO A 126 8.21 4.53 -15.05
CA PRO A 126 9.21 5.61 -15.12
C PRO A 126 9.92 5.92 -13.79
N PHE A 127 9.15 6.16 -12.71
CA PHE A 127 9.68 6.53 -11.40
C PHE A 127 10.26 5.33 -10.65
N ASN A 128 9.77 4.12 -10.97
CA ASN A 128 10.30 2.93 -10.34
C ASN A 128 11.75 2.79 -10.75
N LEU A 129 11.98 2.95 -12.06
CA LEU A 129 13.28 2.71 -12.67
C LEU A 129 14.26 3.76 -12.15
N TYR A 130 13.81 5.03 -12.14
CA TYR A 130 14.54 6.13 -11.56
C TYR A 130 14.99 5.75 -10.15
N ASN A 131 14.03 5.36 -9.29
CA ASN A 131 14.31 5.03 -7.89
C ASN A 131 15.23 3.83 -7.81
N ALA A 132 15.13 2.91 -8.77
CA ALA A 132 15.99 1.75 -8.74
C ALA A 132 17.42 2.14 -9.11
N VAL A 133 17.60 3.14 -9.98
CA VAL A 133 18.93 3.61 -10.34
C VAL A 133 19.49 4.39 -9.14
N VAL A 134 18.63 5.10 -8.44
CA VAL A 134 19.10 5.80 -7.25
C VAL A 134 19.69 4.75 -6.30
N THR A 135 18.90 3.70 -6.01
CA THR A 135 19.25 2.71 -5.02
C THR A 135 20.55 2.06 -5.49
N ALA A 136 20.63 1.76 -6.77
CA ALA A 136 21.78 1.08 -7.31
C ALA A 136 22.99 2.01 -7.37
N ALA A 137 22.74 3.32 -7.35
CA ALA A 137 23.80 4.33 -7.35
C ALA A 137 24.30 4.61 -5.94
N ASP A 138 23.41 4.68 -4.95
CA ASP A 138 23.78 4.94 -3.56
C ASP A 138 24.83 3.94 -3.05
N LYS A 139 25.98 4.46 -2.60
CA LYS A 139 27.06 3.65 -2.05
C LYS A 139 26.55 2.86 -0.85
N ALA A 140 25.62 3.45 -0.07
CA ALA A 140 25.03 2.83 1.12
C ALA A 140 24.21 1.57 0.81
N SER A 141 23.92 1.28 -0.48
CA SER A 141 23.19 0.07 -0.83
C SER A 141 24.10 -1.17 -0.87
N ALA A 142 25.42 -0.97 -0.77
CA ALA A 142 26.33 -2.11 -0.79
C ALA A 142 26.14 -2.89 0.51
N ASN A 143 26.29 -4.20 0.39
CA ASN A 143 26.37 -5.10 1.53
C ASN A 143 25.00 -5.39 2.12
N ARG A 144 23.95 -5.31 1.28
CA ARG A 144 22.60 -5.61 1.69
C ARG A 144 21.96 -6.65 0.79
N GLY A 145 22.77 -7.38 0.04
CA GLY A 145 22.27 -8.40 -0.87
C GLY A 145 21.42 -7.82 -2.02
N VAL A 146 20.83 -8.72 -2.81
CA VAL A 146 20.07 -8.31 -3.97
C VAL A 146 18.76 -7.70 -3.49
N LEU A 147 18.39 -6.62 -4.14
CA LEU A 147 17.49 -5.64 -3.61
C LEU A 147 16.31 -5.52 -4.57
N VAL A 148 15.15 -5.04 -4.08
CA VAL A 148 13.99 -4.80 -4.93
C VAL A 148 13.36 -3.45 -4.60
N VAL A 149 13.18 -2.62 -5.63
CA VAL A 149 12.77 -1.24 -5.41
C VAL A 149 11.46 -1.04 -6.18
N MET A 150 10.42 -0.77 -5.39
CA MET A 150 9.04 -0.68 -5.80
C MET A 150 8.37 0.30 -4.84
N ASN A 151 7.64 1.25 -5.39
CA ASN A 151 6.87 2.16 -4.58
C ASN A 151 7.77 2.79 -3.50
N ASP A 152 8.86 3.43 -3.93
CA ASP A 152 9.59 4.35 -3.07
C ASP A 152 10.20 3.60 -1.88
N THR A 153 10.50 2.30 -2.06
CA THR A 153 10.82 1.40 -0.97
C THR A 153 11.93 0.42 -1.37
N VAL A 154 12.95 0.27 -0.52
CA VAL A 154 14.04 -0.62 -0.84
C VAL A 154 13.83 -1.90 -0.03
N LEU A 155 13.76 -3.05 -0.71
CA LEU A 155 13.34 -4.29 -0.09
C LEU A 155 14.44 -5.32 -0.27
N ASP A 156 14.65 -6.17 0.74
CA ASP A 156 15.65 -7.22 0.64
C ASP A 156 15.01 -8.39 -0.11
N GLY A 157 15.82 -9.05 -0.94
CA GLY A 157 15.40 -10.14 -1.80
C GLY A 157 14.83 -11.32 -1.02
N ARG A 158 15.16 -11.44 0.26
CA ARG A 158 14.78 -12.64 1.00
C ARG A 158 13.34 -12.54 1.46
N ASP A 159 12.99 -11.45 2.13
CA ASP A 159 11.63 -11.28 2.63
C ASP A 159 10.62 -10.75 1.60
N VAL A 160 11.06 -10.32 0.43
CA VAL A 160 10.17 -9.49 -0.36
C VAL A 160 9.17 -10.40 -1.09
N THR A 161 7.89 -10.02 -1.07
CA THR A 161 6.92 -10.79 -1.81
C THR A 161 5.81 -9.88 -2.30
N LYS A 162 5.06 -10.42 -3.26
CA LYS A 162 4.01 -9.68 -3.94
C LYS A 162 2.75 -9.96 -3.15
N THR A 163 2.27 -8.96 -2.40
CA THR A 163 1.15 -9.13 -1.47
C THR A 163 -0.22 -8.86 -2.14
N ASN A 164 -0.24 -8.29 -3.36
CA ASN A 164 -1.48 -7.88 -4.01
C ASN A 164 -1.40 -8.08 -5.53
N THR A 165 -2.53 -8.41 -6.18
CA THR A 165 -2.53 -8.79 -7.58
C THR A 165 -2.37 -7.57 -8.49
N THR A 166 -2.84 -6.38 -8.09
CA THR A 166 -2.95 -5.24 -9.01
C THR A 166 -2.32 -3.94 -8.49
N ASP A 167 -2.36 -3.67 -7.17
CA ASP A 167 -1.89 -2.48 -6.48
C ASP A 167 -0.41 -2.15 -6.73
N VAL A 168 -0.12 -0.84 -6.89
CA VAL A 168 1.24 -0.37 -7.18
C VAL A 168 2.14 -0.65 -5.96
N ALA A 169 1.54 -0.79 -4.77
CA ALA A 169 2.34 -1.03 -3.58
C ALA A 169 2.45 -2.51 -3.20
N THR A 170 2.13 -3.42 -4.12
CA THR A 170 2.09 -4.85 -3.86
C THR A 170 3.29 -5.36 -3.07
N PHE A 171 4.53 -5.05 -3.50
CA PHE A 171 5.75 -5.61 -2.92
C PHE A 171 5.93 -5.11 -1.49
N LYS A 172 6.02 -6.06 -0.55
CA LYS A 172 6.35 -5.74 0.84
C LYS A 172 7.31 -6.79 1.35
N SER A 173 8.02 -6.45 2.43
CA SER A 173 8.74 -7.44 3.20
C SER A 173 7.87 -7.87 4.39
N VAL A 174 7.13 -8.95 4.25
CA VAL A 174 5.98 -9.12 5.11
C VAL A 174 6.36 -9.60 6.52
N ASN A 175 7.62 -9.98 6.75
CA ASN A 175 8.00 -10.54 8.03
C ASN A 175 8.89 -9.55 8.78
N TYR A 176 9.93 -9.05 8.09
CA TYR A 176 10.97 -8.31 8.78
C TYR A 176 10.98 -6.85 8.31
N GLY A 177 10.22 -6.53 7.25
CA GLY A 177 10.02 -5.16 6.81
C GLY A 177 11.07 -4.67 5.79
N PRO A 178 10.94 -3.41 5.34
CA PRO A 178 11.87 -2.82 4.37
C PRO A 178 13.23 -2.40 4.92
N LEU A 179 14.23 -2.32 4.05
CA LEU A 179 15.58 -1.93 4.42
C LEU A 179 15.70 -0.42 4.57
N GLY A 180 14.87 0.34 3.84
CA GLY A 180 15.01 1.78 3.69
C GLY A 180 13.89 2.35 2.83
N TYR A 181 13.55 3.64 3.05
CA TYR A 181 12.64 4.35 2.16
C TYR A 181 13.40 5.42 1.36
N ILE A 182 12.76 5.86 0.28
CA ILE A 182 13.33 6.72 -0.74
C ILE A 182 12.52 8.01 -0.75
N HIS A 183 13.18 9.15 -0.52
CA HIS A 183 12.56 10.46 -0.71
C HIS A 183 13.58 11.36 -1.38
N ASN A 184 13.11 12.06 -2.44
CA ASN A 184 13.83 13.07 -3.20
C ASN A 184 15.21 12.58 -3.64
N GLY A 185 15.28 11.36 -4.20
CA GLY A 185 16.56 10.76 -4.56
C GLY A 185 17.44 10.35 -3.37
N LYS A 186 16.91 10.34 -2.15
CA LYS A 186 17.73 9.94 -1.01
C LYS A 186 17.11 8.78 -0.22
N ILE A 187 17.99 7.96 0.35
CA ILE A 187 17.56 6.79 1.08
C ILE A 187 17.97 6.92 2.54
N ASP A 188 16.99 6.82 3.45
CA ASP A 188 17.27 6.66 4.87
C ASP A 188 17.26 5.17 5.24
N TYR A 189 18.40 4.49 5.03
CA TYR A 189 18.55 3.08 5.37
C TYR A 189 18.57 2.95 6.89
N GLN A 190 17.74 2.03 7.40
CA GLN A 190 17.70 1.78 8.84
C GLN A 190 17.81 0.29 9.11
N ARG A 191 18.22 -0.48 8.11
CA ARG A 191 18.11 -1.93 8.20
C ARG A 191 18.85 -2.58 7.03
N THR A 192 19.31 -3.81 7.32
CA THR A 192 20.12 -4.68 6.48
C THR A 192 19.72 -6.13 6.81
N PRO A 193 19.72 -7.06 5.85
CA PRO A 193 19.45 -8.47 6.15
C PRO A 193 20.56 -9.17 6.95
N ALA A 194 20.16 -10.14 7.79
CA ALA A 194 21.06 -10.81 8.71
C ALA A 194 21.38 -12.23 8.23
N ARG A 195 20.43 -12.95 7.64
CA ARG A 195 20.80 -14.13 6.89
C ARG A 195 21.88 -13.76 5.84
N LYS A 196 22.90 -14.63 5.72
CA LYS A 196 24.05 -14.40 4.88
C LYS A 196 23.57 -14.45 3.43
N HIS A 197 24.26 -13.68 2.56
CA HIS A 197 23.77 -13.41 1.21
C HIS A 197 24.93 -13.08 0.27
N THR A 198 24.64 -13.15 -1.03
CA THR A 198 25.60 -12.86 -2.07
C THR A 198 26.90 -13.65 -1.83
N SER A 199 28.03 -12.96 -1.57
CA SER A 199 29.36 -13.55 -1.54
C SER A 199 29.56 -14.46 -0.33
N ASP A 200 28.61 -14.38 0.62
CA ASP A 200 28.67 -15.03 1.91
C ASP A 200 28.15 -16.46 1.85
N THR A 201 27.76 -16.91 0.66
CA THR A 201 27.10 -18.19 0.49
C THR A 201 28.05 -19.10 -0.25
N PRO A 202 27.97 -20.45 -0.07
CA PRO A 202 28.76 -21.39 -0.85
C PRO A 202 28.18 -21.79 -2.21
N PHE A 203 27.16 -21.06 -2.69
CA PHE A 203 26.46 -21.49 -3.90
C PHE A 203 27.20 -20.89 -5.08
N ASP A 204 27.80 -21.75 -5.92
CA ASP A 204 28.55 -21.29 -7.08
C ASP A 204 27.86 -21.85 -8.31
N VAL A 205 27.18 -20.97 -9.05
CA VAL A 205 26.42 -21.43 -10.20
C VAL A 205 27.25 -21.29 -11.49
N SER A 206 28.51 -20.84 -11.35
CA SER A 206 29.28 -20.31 -12.46
C SER A 206 29.63 -21.41 -13.46
N LYS A 207 29.66 -22.66 -13.01
CA LYS A 207 29.77 -23.81 -13.90
C LYS A 207 28.48 -24.62 -14.04
N LEU A 208 27.32 -24.18 -13.52
CA LEU A 208 26.11 -25.01 -13.63
C LEU A 208 25.32 -24.62 -14.88
N ASN A 209 24.84 -25.61 -15.67
CA ASN A 209 24.02 -25.30 -16.84
C ASN A 209 22.54 -25.63 -16.59
N GLU A 210 22.21 -25.95 -15.32
CA GLU A 210 21.10 -26.82 -14.94
C GLU A 210 21.06 -26.87 -13.41
N LEU A 211 19.83 -26.76 -12.86
CA LEU A 211 19.58 -26.71 -11.43
C LEU A 211 18.78 -27.94 -11.01
N PRO A 212 18.98 -28.51 -9.81
CA PRO A 212 18.12 -29.60 -9.37
C PRO A 212 16.64 -29.30 -9.63
N LYS A 213 15.90 -30.30 -10.12
CA LYS A 213 14.46 -30.20 -10.26
C LYS A 213 13.82 -30.13 -8.87
N VAL A 214 13.17 -28.99 -8.57
CA VAL A 214 12.34 -28.87 -7.38
C VAL A 214 10.96 -28.33 -7.75
N GLY A 215 9.92 -29.09 -7.38
CA GLY A 215 8.53 -28.74 -7.68
C GLY A 215 7.85 -28.33 -6.38
N ILE A 216 6.61 -27.84 -6.47
CA ILE A 216 5.90 -27.33 -5.30
C ILE A 216 4.50 -27.93 -5.30
N VAL A 217 4.05 -28.39 -4.14
CA VAL A 217 2.69 -28.94 -4.04
C VAL A 217 1.88 -28.19 -2.98
N TYR A 218 0.63 -27.92 -3.36
CA TYR A 218 -0.29 -27.18 -2.51
C TYR A 218 -1.01 -28.18 -1.63
N ASN A 219 -1.17 -27.85 -0.34
CA ASN A 219 -2.09 -28.57 0.53
C ASN A 219 -3.33 -27.73 0.74
N TYR A 220 -4.44 -28.42 0.96
CA TYR A 220 -5.77 -27.82 1.08
C TYR A 220 -6.69 -28.96 1.49
N ALA A 221 -7.95 -28.64 1.84
CA ALA A 221 -8.92 -29.63 2.27
C ALA A 221 -9.04 -30.72 1.21
N ASN A 222 -8.89 -31.99 1.63
CA ASN A 222 -9.07 -33.12 0.73
C ASN A 222 -8.01 -33.17 -0.36
N ALA A 223 -6.75 -32.90 -0.03
CA ALA A 223 -5.73 -32.69 -1.03
C ALA A 223 -5.47 -33.98 -1.80
N SER A 224 -5.24 -33.86 -3.10
CA SER A 224 -4.81 -34.98 -3.91
C SER A 224 -3.34 -35.28 -3.65
N ASP A 225 -2.99 -36.56 -3.55
CA ASP A 225 -1.58 -36.92 -3.49
C ASP A 225 -0.98 -37.07 -4.90
N LEU A 226 -1.81 -36.87 -5.93
CA LEU A 226 -1.38 -37.03 -7.31
C LEU A 226 -0.19 -36.15 -7.68
N PRO A 227 -0.15 -34.84 -7.36
CA PRO A 227 1.04 -34.04 -7.66
C PRO A 227 2.33 -34.45 -6.95
N ALA A 228 2.31 -34.53 -5.62
CA ALA A 228 3.44 -35.15 -4.96
C ALA A 228 3.84 -36.37 -5.75
N LYS A 229 2.89 -37.28 -5.97
CA LYS A 229 3.20 -38.58 -6.53
C LYS A 229 3.90 -38.39 -7.86
N ALA A 230 3.38 -37.47 -8.68
CA ALA A 230 3.84 -37.31 -10.05
C ALA A 230 5.25 -36.72 -10.10
N LEU A 231 5.68 -36.08 -9.00
CA LEU A 231 6.99 -35.45 -8.93
C LEU A 231 8.00 -36.46 -8.45
N VAL A 232 7.59 -37.29 -7.48
CA VAL A 232 8.44 -38.38 -7.06
C VAL A 232 8.75 -39.26 -8.27
N ASP A 233 7.74 -39.55 -9.10
CA ASP A 233 7.88 -40.54 -10.15
C ASP A 233 8.81 -40.02 -11.23
N ALA A 234 8.94 -38.69 -11.37
CA ALA A 234 9.87 -38.12 -12.35
C ALA A 234 11.22 -37.88 -11.66
N GLY A 235 11.41 -38.51 -10.49
CA GLY A 235 12.67 -38.39 -9.77
C GLY A 235 13.09 -36.93 -9.68
N TYR A 236 12.14 -36.08 -9.27
CA TYR A 236 12.53 -34.76 -8.82
C TYR A 236 13.53 -34.96 -7.67
N ASP A 237 14.43 -33.99 -7.56
CA ASP A 237 15.49 -33.98 -6.57
C ASP A 237 14.94 -33.51 -5.24
N GLY A 238 13.95 -32.60 -5.28
CA GLY A 238 13.32 -32.04 -4.09
C GLY A 238 11.84 -31.68 -4.34
N ILE A 239 11.09 -31.56 -3.25
CA ILE A 239 9.71 -31.10 -3.32
C ILE A 239 9.50 -30.14 -2.14
N VAL A 240 8.80 -29.02 -2.39
CA VAL A 240 8.33 -28.12 -1.36
C VAL A 240 6.84 -28.29 -1.12
N SER A 241 6.44 -28.47 0.13
CA SER A 241 5.03 -28.44 0.53
C SER A 241 4.62 -27.00 0.86
N ALA A 242 3.70 -26.46 0.05
CA ALA A 242 2.88 -25.33 0.43
C ALA A 242 1.78 -25.86 1.34
N GLY A 243 2.12 -25.99 2.60
CA GLY A 243 1.22 -26.59 3.56
C GLY A 243 0.18 -25.62 4.09
N VAL A 244 -0.61 -26.16 5.01
CA VAL A 244 -1.63 -25.39 5.66
C VAL A 244 -1.02 -24.94 6.99
N GLY A 245 -1.36 -23.72 7.38
CA GLY A 245 -0.96 -23.25 8.69
C GLY A 245 0.56 -23.29 8.83
N ASN A 246 1.07 -23.92 9.90
CA ASN A 246 2.49 -23.93 10.16
C ASN A 246 3.13 -25.15 9.51
N GLY A 247 3.12 -25.19 8.17
CA GLY A 247 3.78 -26.23 7.41
C GLY A 247 3.08 -27.61 7.43
N ASN A 248 1.80 -27.64 7.79
CA ASN A 248 1.12 -28.91 7.97
C ASN A 248 0.77 -29.53 6.62
N LEU A 249 0.71 -30.86 6.59
CA LEU A 249 0.42 -31.62 5.37
C LEU A 249 -0.97 -32.27 5.38
N TYR A 250 -1.57 -32.49 4.22
CA TYR A 250 -2.78 -33.32 4.16
C TYR A 250 -2.34 -34.79 4.12
N LYS A 251 -3.09 -35.67 4.79
CA LYS A 251 -2.58 -36.97 5.19
C LYS A 251 -1.95 -37.74 4.01
N THR A 252 -2.52 -37.67 2.79
CA THR A 252 -2.00 -38.45 1.67
C THR A 252 -0.75 -37.80 1.06
N VAL A 253 -0.64 -36.47 1.18
CA VAL A 253 0.59 -35.78 0.82
C VAL A 253 1.69 -36.16 1.84
N PHE A 254 1.36 -36.13 3.14
CA PHE A 254 2.25 -36.53 4.21
C PHE A 254 2.78 -37.94 3.92
N ASP A 255 1.91 -38.87 3.53
CA ASP A 255 2.39 -40.22 3.30
C ASP A 255 3.35 -40.20 2.12
N THR A 256 2.93 -39.54 1.05
CA THR A 256 3.75 -39.57 -0.14
C THR A 256 5.08 -38.87 0.13
N LEU A 257 5.07 -37.68 0.77
CA LEU A 257 6.30 -36.94 0.99
C LEU A 257 7.17 -37.66 2.02
N ALA A 258 6.58 -38.46 2.90
CA ALA A 258 7.39 -39.12 3.92
C ALA A 258 8.13 -40.30 3.31
N THR A 259 7.43 -41.04 2.46
CA THR A 259 8.04 -42.20 1.81
C THR A 259 9.11 -41.65 0.91
N ALA A 260 8.75 -40.63 0.14
CA ALA A 260 9.68 -40.06 -0.83
C ALA A 260 10.94 -39.58 -0.14
N ALA A 261 10.83 -39.14 1.13
CA ALA A 261 11.92 -38.50 1.81
C ALA A 261 12.88 -39.55 2.38
N LYS A 262 12.34 -40.70 2.79
CA LYS A 262 13.17 -41.85 3.14
C LYS A 262 13.88 -42.41 1.90
N ASN A 263 13.27 -42.25 0.71
CA ASN A 263 13.85 -42.78 -0.52
C ASN A 263 14.77 -41.75 -1.20
N GLY A 264 15.00 -40.56 -0.59
CA GLY A 264 16.07 -39.66 -1.02
C GLY A 264 15.61 -38.32 -1.64
N THR A 265 14.32 -38.16 -2.00
CA THR A 265 13.82 -36.83 -2.33
C THR A 265 14.00 -35.93 -1.10
N ALA A 266 14.50 -34.71 -1.22
CA ALA A 266 14.39 -33.77 -0.10
C ALA A 266 12.98 -33.21 -0.11
N VAL A 267 12.36 -33.06 1.06
CA VAL A 267 11.12 -32.32 1.08
C VAL A 267 11.17 -31.28 2.19
N VAL A 268 10.85 -30.06 1.76
CA VAL A 268 10.68 -28.93 2.64
C VAL A 268 9.19 -28.73 2.90
N ARG A 269 8.88 -28.51 4.18
CA ARG A 269 7.61 -27.99 4.58
C ARG A 269 7.74 -26.46 4.65
N SER A 270 7.09 -25.81 3.69
CA SER A 270 6.74 -24.40 3.70
C SER A 270 5.24 -24.29 4.00
N SER A 271 4.67 -23.12 3.71
CA SER A 271 3.28 -22.84 4.03
C SER A 271 2.65 -21.94 2.97
N ARG A 272 1.39 -22.23 2.63
CA ARG A 272 0.60 -21.34 1.79
C ARG A 272 0.27 -20.05 2.52
N VAL A 273 0.44 -20.07 3.85
CA VAL A 273 0.17 -18.90 4.65
C VAL A 273 1.21 -17.82 4.34
N PRO A 274 0.68 -16.62 3.98
CA PRO A 274 1.52 -15.53 3.45
C PRO A 274 2.53 -14.83 4.34
N THR A 275 2.50 -15.09 5.66
CA THR A 275 3.45 -14.47 6.55
C THR A 275 3.72 -15.43 7.68
N GLY A 276 4.90 -15.32 8.28
CA GLY A 276 5.24 -16.14 9.45
C GLY A 276 6.04 -17.42 9.11
N ALA A 277 6.75 -17.95 10.09
CA ALA A 277 7.66 -19.04 9.85
C ALA A 277 6.90 -20.35 9.84
N THR A 278 7.31 -21.25 8.94
CA THR A 278 7.07 -22.67 9.15
C THR A 278 8.13 -23.16 10.15
N THR A 279 7.72 -23.38 11.38
CA THR A 279 8.72 -23.68 12.41
C THR A 279 8.88 -25.18 12.55
N GLN A 280 9.90 -25.54 13.30
CA GLN A 280 10.03 -26.87 13.89
C GLN A 280 9.40 -26.91 15.29
N ASP A 281 9.23 -28.14 15.78
CA ASP A 281 8.73 -28.38 17.14
C ASP A 281 7.28 -27.89 17.25
N ALA A 282 6.46 -28.20 16.24
CA ALA A 282 5.03 -27.99 16.40
C ALA A 282 4.35 -29.36 16.34
N GLU A 283 3.77 -29.70 15.17
CA GLU A 283 2.97 -30.91 15.03
C GLU A 283 3.66 -31.96 14.15
N VAL A 284 4.88 -31.70 13.66
CA VAL A 284 5.52 -32.63 12.74
C VAL A 284 6.91 -32.91 13.25
N ASP A 285 7.26 -34.19 13.36
CA ASP A 285 8.61 -34.55 13.77
C ASP A 285 9.50 -34.50 12.54
N ASP A 286 9.97 -33.31 12.18
CA ASP A 286 10.79 -33.17 10.99
C ASP A 286 11.95 -34.14 11.01
N ALA A 287 12.61 -34.29 12.16
CA ALA A 287 13.83 -35.06 12.23
C ALA A 287 13.53 -36.54 12.00
N LYS A 288 12.40 -36.97 12.58
CA LYS A 288 11.99 -38.36 12.43
C LYS A 288 11.93 -38.69 10.94
N TYR A 289 11.29 -37.82 10.12
CA TYR A 289 10.90 -38.17 8.76
C TYR A 289 11.92 -37.72 7.71
N GLY A 290 12.85 -36.81 8.05
CA GLY A 290 13.79 -36.27 7.07
C GLY A 290 13.30 -34.98 6.41
N PHE A 291 12.29 -34.34 7.01
CA PHE A 291 11.76 -33.10 6.45
C PHE A 291 12.63 -31.94 6.91
N VAL A 292 12.67 -30.86 6.10
CA VAL A 292 13.28 -29.57 6.41
C VAL A 292 12.15 -28.53 6.57
N ALA A 293 12.17 -27.75 7.68
CA ALA A 293 11.28 -26.61 7.87
C ALA A 293 11.79 -25.37 7.13
N SER A 294 10.93 -24.74 6.33
CA SER A 294 11.33 -23.64 5.46
C SER A 294 11.64 -22.36 6.25
N GLY A 295 11.11 -22.21 7.46
CA GLY A 295 11.14 -20.93 8.13
C GLY A 295 10.21 -19.92 7.46
N THR A 296 10.69 -18.67 7.35
CA THR A 296 9.88 -17.60 6.75
C THR A 296 9.85 -17.72 5.24
N LEU A 297 10.61 -18.64 4.68
CA LEU A 297 10.55 -18.85 3.25
C LEU A 297 9.19 -19.45 2.86
N ASN A 298 8.47 -18.73 2.01
CA ASN A 298 7.30 -19.22 1.32
C ASN A 298 7.71 -20.26 0.24
N PRO A 299 6.73 -21.05 -0.30
CA PRO A 299 7.05 -22.21 -1.12
C PRO A 299 8.06 -21.92 -2.23
N GLN A 300 7.81 -20.87 -3.02
CA GLN A 300 8.62 -20.53 -4.19
C GLN A 300 9.99 -19.97 -3.77
N LYS A 301 10.03 -19.11 -2.76
CA LYS A 301 11.32 -18.78 -2.21
C LYS A 301 12.03 -20.05 -1.73
N ALA A 302 11.30 -20.99 -1.10
CA ALA A 302 11.94 -22.12 -0.44
C ALA A 302 12.44 -23.10 -1.48
N ARG A 303 11.78 -23.09 -2.62
CA ARG A 303 12.26 -23.79 -3.81
C ARG A 303 13.59 -23.22 -4.30
N VAL A 304 13.77 -21.91 -4.24
CA VAL A 304 15.03 -21.30 -4.65
C VAL A 304 16.15 -21.85 -3.76
N LEU A 305 15.99 -21.69 -2.45
CA LEU A 305 16.99 -22.14 -1.50
C LEU A 305 17.20 -23.64 -1.65
N LEU A 306 16.13 -24.41 -1.96
CA LEU A 306 16.20 -25.86 -1.87
C LEU A 306 17.00 -26.42 -3.03
N GLN A 307 16.72 -25.85 -4.21
CA GLN A 307 17.48 -26.03 -5.44
C GLN A 307 18.96 -25.79 -5.21
N LEU A 308 19.30 -24.64 -4.61
CA LEU A 308 20.69 -24.29 -4.44
C LEU A 308 21.33 -25.16 -3.37
N ALA A 309 20.50 -25.67 -2.44
CA ALA A 309 20.98 -26.50 -1.34
C ALA A 309 21.30 -27.92 -1.83
N LEU A 310 20.47 -28.40 -2.76
CA LEU A 310 20.70 -29.64 -3.47
C LEU A 310 22.01 -29.61 -4.27
N THR A 311 22.54 -28.44 -4.64
CA THR A 311 23.83 -28.41 -5.33
C THR A 311 25.01 -28.54 -4.35
N GLN A 312 24.75 -28.52 -3.03
CA GLN A 312 25.79 -28.69 -2.03
C GLN A 312 25.71 -30.08 -1.38
N THR A 313 24.50 -30.53 -1.06
CA THR A 313 24.30 -31.77 -0.34
C THR A 313 22.92 -32.31 -0.63
N LYS A 314 22.70 -33.59 -0.30
CA LYS A 314 21.43 -34.27 -0.48
C LYS A 314 20.93 -34.73 0.87
N ASP A 315 21.48 -34.09 1.91
CA ASP A 315 21.37 -34.59 3.27
C ASP A 315 20.40 -33.70 4.04
N PRO A 316 19.29 -34.26 4.60
CA PRO A 316 18.24 -33.47 5.25
C PRO A 316 18.69 -32.54 6.36
N GLN A 317 19.53 -33.04 7.27
CA GLN A 317 20.09 -32.20 8.33
C GLN A 317 20.92 -31.06 7.73
N GLN A 318 21.64 -31.29 6.63
CA GLN A 318 22.51 -30.24 6.14
C GLN A 318 21.68 -29.18 5.41
N ILE A 319 20.52 -29.57 4.85
CA ILE A 319 19.64 -28.63 4.15
C ILE A 319 18.89 -27.78 5.18
N GLN A 320 18.48 -28.39 6.31
CA GLN A 320 18.01 -27.62 7.45
C GLN A 320 19.02 -26.51 7.79
N GLN A 321 20.32 -26.88 7.84
CA GLN A 321 21.40 -25.98 8.25
C GLN A 321 21.40 -24.72 7.39
N ILE A 322 21.41 -24.95 6.06
CA ILE A 322 21.30 -23.93 5.03
C ILE A 322 20.00 -23.14 5.25
N PHE A 323 18.89 -23.85 5.53
CA PHE A 323 17.59 -23.23 5.71
C PHE A 323 17.57 -22.39 6.99
N ASN A 324 18.45 -22.71 7.95
CA ASN A 324 18.58 -21.85 9.13
C ASN A 324 19.54 -20.68 8.91
N GLN A 325 20.35 -20.75 7.83
CA GLN A 325 21.43 -19.78 7.62
C GLN A 325 21.16 -18.78 6.50
N TYR A 326 20.55 -19.22 5.40
CA TYR A 326 20.40 -18.35 4.22
C TYR A 326 18.93 -17.94 3.96
N LEU B 1 -23.69 10.30 -21.90
CA LEU B 1 -22.67 10.15 -20.83
C LEU B 1 -23.14 10.87 -19.56
N PRO B 2 -22.69 10.42 -18.36
CA PRO B 2 -23.16 10.98 -17.10
C PRO B 2 -22.65 12.40 -16.82
N ASN B 3 -23.55 13.29 -16.39
CA ASN B 3 -23.13 14.64 -16.03
C ASN B 3 -22.50 14.59 -14.66
N ILE B 4 -21.17 14.67 -14.64
CA ILE B 4 -20.37 14.69 -13.43
C ILE B 4 -19.84 16.10 -13.20
N THR B 5 -20.17 16.71 -12.05
CA THR B 5 -19.54 17.96 -11.67
C THR B 5 -18.23 17.68 -10.92
N ILE B 6 -17.12 18.23 -11.39
CA ILE B 6 -15.93 18.33 -10.56
C ILE B 6 -16.00 19.64 -9.77
N LEU B 7 -15.76 19.55 -8.46
CA LEU B 7 -15.66 20.69 -7.56
C LEU B 7 -14.19 20.77 -7.18
N ALA B 8 -13.53 21.93 -7.32
CA ALA B 8 -12.09 21.94 -7.08
C ALA B 8 -11.73 22.79 -5.87
N THR B 9 -11.06 22.21 -4.85
CA THR B 9 -10.69 22.94 -3.64
C THR B 9 -9.19 22.91 -3.36
N GLY B 10 -8.42 22.32 -4.27
CA GLY B 10 -6.98 22.46 -4.22
C GLY B 10 -6.33 21.09 -4.16
N GLY B 11 -5.25 21.05 -3.36
CA GLY B 11 -4.53 19.84 -3.06
C GLY B 11 -3.31 19.72 -3.97
N THR B 12 -2.44 18.74 -3.68
CA THR B 12 -1.33 18.38 -4.55
C THR B 12 -1.86 17.95 -5.92
N ILE B 13 -3.10 17.43 -5.95
CA ILE B 13 -3.66 16.99 -7.22
C ILE B 13 -3.57 18.13 -8.19
N ALA B 14 -3.52 19.35 -7.65
CA ALA B 14 -3.43 20.58 -8.41
C ALA B 14 -2.28 21.43 -7.88
N GLY B 15 -1.11 20.81 -7.76
CA GLY B 15 0.11 21.48 -7.34
C GLY B 15 1.27 20.95 -8.17
N GLY B 16 2.32 21.78 -8.35
CA GLY B 16 3.49 21.46 -9.15
C GLY B 16 4.77 21.89 -8.44
N GLY B 17 5.92 21.72 -9.09
CA GLY B 17 7.18 22.02 -8.43
C GLY B 17 8.40 21.76 -9.30
N ASP B 18 8.62 22.63 -10.29
CA ASP B 18 9.86 22.72 -11.05
C ASP B 18 10.23 21.35 -11.63
N SER B 19 11.12 20.63 -10.94
CA SER B 19 11.66 19.37 -11.42
C SER B 19 10.65 18.23 -11.16
N ALA B 20 10.55 17.31 -12.15
CA ALA B 20 9.75 16.10 -12.05
C ALA B 20 10.30 15.14 -11.00
N THR B 21 11.59 15.32 -10.65
CA THR B 21 12.31 14.45 -9.73
C THR B 21 12.72 15.21 -8.46
N LYS B 22 11.95 16.23 -8.06
CA LYS B 22 12.14 16.91 -6.78
C LYS B 22 10.82 16.89 -6.03
N SER B 23 10.88 16.71 -4.72
CA SER B 23 9.69 16.54 -3.90
C SER B 23 9.14 17.88 -3.44
N ASN B 24 9.78 18.98 -3.87
CA ASN B 24 9.44 20.36 -3.49
C ASN B 24 8.30 20.85 -4.38
N TYR B 25 7.18 21.30 -3.76
CA TYR B 25 6.05 21.79 -4.52
C TYR B 25 5.11 22.67 -3.68
N THR B 26 4.10 23.24 -4.36
CA THR B 26 3.09 24.10 -3.75
C THR B 26 1.72 23.45 -3.99
N ALA B 27 0.94 23.33 -2.92
CA ALA B 27 -0.45 22.96 -3.04
C ALA B 27 -1.25 24.08 -3.71
N GLY B 28 -2.45 23.72 -4.21
CA GLY B 28 -3.47 24.63 -4.72
C GLY B 28 -3.01 25.78 -5.63
N LYS B 29 -2.33 25.47 -6.76
CA LYS B 29 -1.81 26.49 -7.67
C LYS B 29 -2.30 26.26 -9.11
N VAL B 30 -2.98 25.14 -9.36
CA VAL B 30 -3.44 24.75 -10.68
C VAL B 30 -4.97 24.77 -10.68
N GLY B 31 -5.56 25.25 -11.77
CA GLY B 31 -7.00 25.42 -11.87
C GLY B 31 -7.68 24.16 -12.39
N VAL B 32 -9.01 24.12 -12.26
CA VAL B 32 -9.83 22.93 -12.48
C VAL B 32 -9.87 22.55 -13.97
N GLU B 33 -9.85 23.57 -14.86
CA GLU B 33 -9.74 23.31 -16.28
C GLU B 33 -8.41 22.66 -16.66
N ASN B 34 -7.29 22.98 -16.00
CA ASN B 34 -6.00 22.38 -16.37
C ASN B 34 -5.99 20.89 -16.06
N LEU B 35 -6.39 20.58 -14.83
CA LEU B 35 -6.66 19.25 -14.30
C LEU B 35 -7.51 18.43 -15.26
N VAL B 36 -8.62 19.02 -15.71
CA VAL B 36 -9.59 18.29 -16.53
C VAL B 36 -8.97 17.97 -17.88
N ASN B 37 -8.27 18.94 -18.48
CA ASN B 37 -7.70 18.75 -19.81
C ASN B 37 -6.38 18.00 -19.76
N ALA B 38 -5.85 17.79 -18.55
CA ALA B 38 -4.69 16.95 -18.33
C ALA B 38 -5.05 15.45 -18.38
N VAL B 39 -6.35 15.12 -18.47
CA VAL B 39 -6.85 13.76 -18.46
C VAL B 39 -7.92 13.65 -19.53
N PRO B 40 -7.54 13.78 -20.82
CA PRO B 40 -8.52 13.89 -21.91
C PRO B 40 -9.50 12.72 -21.98
N GLN B 41 -9.17 11.60 -21.29
CA GLN B 41 -9.93 10.36 -21.36
C GLN B 41 -11.22 10.44 -20.55
N LEU B 42 -11.40 11.51 -19.77
CA LEU B 42 -12.64 11.77 -19.09
C LEU B 42 -13.77 12.02 -20.09
N LYS B 43 -13.42 12.55 -21.27
CA LYS B 43 -14.46 12.96 -22.21
C LYS B 43 -15.26 11.72 -22.64
N ASP B 44 -14.58 10.56 -22.64
CA ASP B 44 -15.15 9.32 -23.12
C ASP B 44 -16.10 8.68 -22.13
N ILE B 45 -16.03 9.08 -20.84
CA ILE B 45 -16.86 8.47 -19.81
C ILE B 45 -17.75 9.48 -19.09
N ALA B 46 -17.44 10.79 -19.11
CA ALA B 46 -18.32 11.76 -18.45
C ALA B 46 -18.43 13.06 -19.26
N ASN B 47 -19.55 13.78 -19.03
CA ASN B 47 -19.69 15.19 -19.40
C ASN B 47 -19.28 16.04 -18.19
N VAL B 48 -17.97 16.32 -18.06
CA VAL B 48 -17.43 16.89 -16.84
C VAL B 48 -17.72 18.37 -16.88
N LYS B 49 -18.13 18.95 -15.75
CA LYS B 49 -18.14 20.39 -15.54
C LYS B 49 -17.16 20.73 -14.40
N GLY B 50 -16.19 21.61 -14.67
CA GLY B 50 -15.29 22.10 -13.63
C GLY B 50 -15.82 23.36 -12.94
N GLU B 51 -15.79 23.39 -11.60
CA GLU B 51 -16.02 24.60 -10.81
C GLU B 51 -14.97 24.69 -9.69
N GLN B 52 -14.29 25.84 -9.64
CA GLN B 52 -13.26 26.12 -8.65
C GLN B 52 -13.99 26.66 -7.43
N VAL B 53 -13.82 26.02 -6.26
CA VAL B 53 -14.49 26.45 -5.04
C VAL B 53 -13.50 27.31 -4.26
N VAL B 54 -12.33 26.76 -3.98
CA VAL B 54 -11.17 27.53 -3.54
C VAL B 54 -9.97 26.85 -4.17
N ASN B 55 -8.76 27.34 -3.89
CA ASN B 55 -7.56 26.69 -4.42
C ASN B 55 -6.47 26.74 -3.36
N ILE B 56 -6.67 25.93 -2.32
CA ILE B 56 -5.81 25.93 -1.14
C ILE B 56 -5.18 24.55 -0.95
N GLY B 57 -4.24 24.50 -0.01
CA GLY B 57 -3.74 23.24 0.48
C GLY B 57 -4.60 22.78 1.64
N SER B 58 -5.00 21.50 1.64
CA SER B 58 -5.95 21.01 2.63
C SER B 58 -5.40 21.08 4.06
N GLN B 59 -4.09 21.32 4.25
CA GLN B 59 -3.58 21.67 5.57
C GLN B 59 -4.27 22.94 6.05
N ASP B 60 -4.68 23.79 5.10
CA ASP B 60 -5.29 25.08 5.38
C ASP B 60 -6.82 24.98 5.37
N MET B 61 -7.34 23.75 5.20
CA MET B 61 -8.77 23.52 5.06
C MET B 61 -9.47 24.05 6.31
N ASN B 62 -10.76 24.39 6.21
CA ASN B 62 -11.44 25.04 7.32
C ASN B 62 -12.94 24.77 7.22
N ASP B 63 -13.72 25.36 8.15
CA ASP B 63 -15.17 25.20 8.18
C ASP B 63 -15.85 25.93 7.02
N ASP B 64 -15.30 27.08 6.60
CA ASP B 64 -15.97 27.88 5.58
C ASP B 64 -16.11 27.02 4.33
N VAL B 65 -14.96 26.48 3.89
CA VAL B 65 -14.90 25.62 2.72
C VAL B 65 -15.86 24.46 2.87
N TRP B 66 -15.99 23.89 4.08
CA TRP B 66 -16.93 22.80 4.30
C TRP B 66 -18.36 23.25 4.01
N LEU B 67 -18.72 24.43 4.53
CA LEU B 67 -20.08 24.91 4.46
C LEU B 67 -20.47 25.29 3.04
N THR B 68 -19.51 25.91 2.33
CA THR B 68 -19.58 26.27 0.91
C THR B 68 -19.77 25.00 0.05
N LEU B 69 -19.07 23.94 0.50
CA LEU B 69 -19.09 22.63 -0.11
C LEU B 69 -20.46 21.97 0.06
N ALA B 70 -20.90 21.75 1.30
CA ALA B 70 -22.15 21.03 1.45
C ALA B 70 -23.19 21.74 0.61
N LYS B 71 -23.24 23.06 0.78
CA LYS B 71 -24.30 23.89 0.23
C LYS B 71 -24.39 23.65 -1.26
N LYS B 72 -23.26 23.83 -1.95
CA LYS B 72 -23.21 23.81 -3.40
C LYS B 72 -23.58 22.43 -3.91
N ILE B 73 -23.13 21.37 -3.21
CA ILE B 73 -23.54 20.01 -3.53
C ILE B 73 -25.05 19.86 -3.37
N ASN B 74 -25.62 20.29 -2.23
CA ASN B 74 -27.04 20.15 -1.92
C ASN B 74 -27.91 20.94 -2.90
N THR B 75 -27.40 22.14 -3.26
CA THR B 75 -28.07 23.08 -4.13
C THR B 75 -27.99 22.58 -5.57
N ASP B 76 -26.86 21.96 -5.96
CA ASP B 76 -26.69 21.58 -7.37
C ASP B 76 -27.04 20.11 -7.60
N CYS B 77 -27.49 19.42 -6.54
CA CYS B 77 -27.91 18.02 -6.64
C CYS B 77 -28.53 17.71 -8.00
N ASP B 78 -29.69 18.32 -8.31
CA ASP B 78 -30.55 17.97 -9.45
C ASP B 78 -30.15 18.66 -10.76
N LYS B 79 -28.87 18.92 -10.97
CA LYS B 79 -28.39 19.47 -12.23
C LYS B 79 -27.21 18.65 -12.73
N THR B 80 -27.10 17.40 -12.25
CA THR B 80 -25.91 16.60 -12.45
C THR B 80 -26.15 15.21 -11.87
N ASP B 81 -25.37 14.24 -12.34
CA ASP B 81 -25.54 12.84 -12.00
C ASP B 81 -24.51 12.38 -10.96
N GLY B 82 -23.57 13.24 -10.59
CA GLY B 82 -22.66 12.96 -9.49
C GLY B 82 -21.62 14.07 -9.36
N PHE B 83 -20.92 14.09 -8.23
CA PHE B 83 -19.94 15.12 -7.98
C PHE B 83 -18.59 14.46 -7.71
N VAL B 84 -17.53 15.22 -7.94
CA VAL B 84 -16.21 14.81 -7.58
C VAL B 84 -15.50 16.04 -7.03
N ILE B 85 -14.90 15.92 -5.85
CA ILE B 85 -14.18 17.03 -5.26
C ILE B 85 -12.69 16.73 -5.31
N THR B 86 -11.92 17.58 -5.99
CA THR B 86 -10.48 17.43 -5.95
C THR B 86 -10.02 18.13 -4.68
N HIS B 87 -9.23 17.42 -3.86
CA HIS B 87 -8.92 17.87 -2.50
C HIS B 87 -7.52 17.43 -2.12
N GLY B 88 -6.88 18.26 -1.29
CA GLY B 88 -5.62 17.84 -0.72
C GLY B 88 -5.80 16.62 0.17
N THR B 89 -4.74 15.83 0.29
CA THR B 89 -4.84 14.52 0.92
C THR B 89 -4.74 14.65 2.44
N ASP B 90 -3.95 15.66 2.87
CA ASP B 90 -3.73 15.98 4.28
C ASP B 90 -5.02 15.97 5.09
N THR B 91 -6.13 16.61 4.67
CA THR B 91 -7.35 16.59 5.50
C THR B 91 -8.57 16.06 4.76
N MET B 92 -8.36 15.35 3.66
CA MET B 92 -9.44 14.75 2.91
C MET B 92 -10.30 13.83 3.78
N GLU B 93 -9.68 13.11 4.72
CA GLU B 93 -10.44 12.22 5.60
C GLU B 93 -11.45 12.99 6.45
N GLU B 94 -11.23 14.30 6.68
CA GLU B 94 -12.13 15.12 7.49
C GLU B 94 -13.28 15.66 6.64
N THR B 95 -12.94 16.34 5.55
CA THR B 95 -13.90 16.89 4.63
C THR B 95 -14.86 15.78 4.24
N ALA B 96 -14.30 14.61 3.86
CA ALA B 96 -15.06 13.47 3.34
C ALA B 96 -16.12 13.04 4.34
N TYR B 97 -15.76 13.04 5.63
CA TYR B 97 -16.67 12.69 6.72
C TYR B 97 -17.67 13.84 6.91
N PHE B 98 -17.17 15.08 6.93
CA PHE B 98 -18.05 16.25 7.00
C PHE B 98 -19.16 16.14 5.97
N LEU B 99 -18.74 15.97 4.72
CA LEU B 99 -19.67 15.92 3.62
C LEU B 99 -20.55 14.72 3.83
N ASP B 100 -19.96 13.63 4.35
CA ASP B 100 -20.67 12.37 4.57
C ASP B 100 -21.92 12.62 5.41
N LEU B 101 -21.88 13.62 6.31
CA LEU B 101 -22.94 13.86 7.29
C LEU B 101 -23.91 14.97 6.87
N THR B 102 -23.39 15.95 6.12
CA THR B 102 -24.07 17.20 5.78
C THR B 102 -24.68 17.19 4.37
N VAL B 103 -24.26 16.28 3.49
CA VAL B 103 -24.79 16.23 2.13
C VAL B 103 -26.08 15.40 2.19
N LYS B 104 -27.09 15.78 1.40
CA LYS B 104 -28.41 15.15 1.43
C LYS B 104 -28.74 14.59 0.06
N CYS B 105 -27.75 14.64 -0.83
CA CYS B 105 -27.81 14.06 -2.16
C CYS B 105 -27.62 12.55 -2.01
N ASP B 106 -28.47 11.75 -2.64
CA ASP B 106 -28.24 10.30 -2.67
C ASP B 106 -27.18 9.98 -3.75
N LYS B 107 -26.96 10.93 -4.68
CA LYS B 107 -26.08 10.74 -5.82
C LYS B 107 -24.61 10.79 -5.43
N PRO B 108 -23.73 10.10 -6.20
CA PRO B 108 -22.35 9.88 -5.78
C PRO B 108 -21.56 11.17 -5.66
N VAL B 109 -21.19 11.49 -4.44
CA VAL B 109 -20.17 12.48 -4.21
C VAL B 109 -18.88 11.71 -3.94
N VAL B 110 -17.81 12.06 -4.67
CA VAL B 110 -16.54 11.35 -4.56
C VAL B 110 -15.36 12.30 -4.41
N MET B 111 -14.55 12.10 -3.38
CA MET B 111 -13.38 12.93 -3.22
C MET B 111 -12.17 12.18 -3.72
N VAL B 112 -11.15 12.94 -4.07
CA VAL B 112 -9.98 12.41 -4.74
C VAL B 112 -8.89 13.43 -4.62
N GLY B 113 -7.66 12.94 -4.45
CA GLY B 113 -6.47 13.76 -4.39
C GLY B 113 -5.29 12.94 -4.87
N ALA B 114 -4.08 13.47 -4.66
CA ALA B 114 -2.88 12.85 -5.21
C ALA B 114 -1.68 13.17 -4.34
N MET B 115 -0.84 12.15 -4.15
CA MET B 115 0.23 12.19 -3.17
C MET B 115 1.52 12.64 -3.84
N ARG B 116 1.45 12.67 -5.15
CA ARG B 116 2.53 13.17 -5.96
C ARG B 116 1.98 14.35 -6.73
N PRO B 117 2.74 15.45 -6.83
CA PRO B 117 2.27 16.60 -7.61
C PRO B 117 2.32 16.28 -9.10
N SER B 118 1.46 16.97 -9.85
CA SER B 118 1.17 16.75 -11.26
C SER B 118 2.42 16.82 -12.15
N THR B 119 3.47 17.51 -11.69
CA THR B 119 4.70 17.61 -12.46
C THR B 119 5.61 16.43 -12.15
N SER B 120 5.31 15.66 -11.11
CA SER B 120 6.07 14.45 -10.76
C SER B 120 6.03 13.42 -11.90
N MET B 121 7.16 12.72 -12.04
CA MET B 121 7.27 11.50 -12.81
C MET B 121 6.32 10.49 -12.19
N SER B 122 5.58 9.77 -13.05
CA SER B 122 4.61 8.78 -12.62
C SER B 122 3.59 9.39 -11.63
N ALA B 123 3.12 10.62 -11.92
CA ALA B 123 2.13 11.29 -11.10
C ALA B 123 0.85 10.47 -10.97
N ASP B 124 0.25 10.48 -9.76
CA ASP B 124 -0.88 9.61 -9.43
C ASP B 124 -2.19 10.22 -9.96
N GLY B 125 -2.20 11.54 -10.14
CA GLY B 125 -3.42 12.34 -10.14
C GLY B 125 -4.32 12.08 -11.35
N PRO B 126 -3.77 12.03 -12.57
CA PRO B 126 -4.55 11.60 -13.74
C PRO B 126 -5.44 10.38 -13.51
N PHE B 127 -4.81 9.26 -13.16
CA PHE B 127 -5.55 8.01 -13.00
C PHE B 127 -6.46 8.12 -11.79
N ASN B 128 -6.02 8.85 -10.74
CA ASN B 128 -6.86 9.06 -9.58
C ASN B 128 -8.17 9.69 -10.00
N LEU B 129 -8.08 10.80 -10.74
CA LEU B 129 -9.22 11.60 -11.14
C LEU B 129 -10.08 10.83 -12.15
N TYR B 130 -9.44 10.07 -13.07
CA TYR B 130 -10.14 9.16 -13.97
C TYR B 130 -11.08 8.23 -13.20
N ASN B 131 -10.47 7.38 -12.36
CA ASN B 131 -11.18 6.40 -11.52
C ASN B 131 -12.15 7.07 -10.57
N ALA B 132 -11.86 8.27 -10.08
CA ALA B 132 -12.85 9.00 -9.28
C ALA B 132 -14.04 9.34 -10.16
N VAL B 133 -13.80 9.74 -11.43
CA VAL B 133 -14.93 10.11 -12.26
C VAL B 133 -15.68 8.84 -12.56
N VAL B 134 -14.96 7.76 -12.85
CA VAL B 134 -15.64 6.51 -13.11
C VAL B 134 -16.60 6.27 -11.94
N THR B 135 -16.07 6.36 -10.71
CA THR B 135 -16.83 6.04 -9.52
C THR B 135 -18.10 6.90 -9.48
N ALA B 136 -17.92 8.22 -9.60
CA ALA B 136 -19.01 9.19 -9.73
C ALA B 136 -20.03 8.86 -10.80
N ALA B 137 -19.64 8.11 -11.83
CA ALA B 137 -20.55 7.79 -12.91
C ALA B 137 -21.24 6.44 -12.70
N ASP B 138 -20.71 5.57 -11.84
CA ASP B 138 -21.35 4.28 -11.58
C ASP B 138 -22.65 4.42 -10.77
N LYS B 139 -23.76 3.92 -11.37
CA LYS B 139 -25.05 3.77 -10.73
C LYS B 139 -24.92 3.09 -9.37
N ALA B 140 -24.10 2.03 -9.31
CA ALA B 140 -23.88 1.27 -8.10
C ALA B 140 -23.31 2.15 -6.99
N SER B 141 -22.63 3.26 -7.34
CA SER B 141 -21.99 4.11 -6.35
C SER B 141 -23.03 4.93 -5.58
N ALA B 142 -24.30 4.85 -5.99
CA ALA B 142 -25.33 5.63 -5.32
C ALA B 142 -25.66 4.98 -3.98
N ASN B 143 -26.01 5.84 -3.02
CA ASN B 143 -26.56 5.44 -1.73
C ASN B 143 -25.50 4.72 -0.90
N ARG B 144 -24.23 5.16 -0.96
CA ARG B 144 -23.12 4.59 -0.20
C ARG B 144 -22.37 5.71 0.53
N GLY B 145 -22.88 6.93 0.35
CA GLY B 145 -22.39 8.09 1.04
C GLY B 145 -21.18 8.65 0.33
N VAL B 146 -20.55 9.60 0.99
CA VAL B 146 -19.43 10.26 0.39
C VAL B 146 -18.27 9.27 0.37
N LEU B 147 -17.56 9.28 -0.76
CA LEU B 147 -16.56 8.29 -1.09
C LEU B 147 -15.22 9.00 -1.25
N VAL B 148 -14.13 8.29 -0.91
CA VAL B 148 -12.79 8.64 -1.36
C VAL B 148 -12.28 7.54 -2.29
N VAL B 149 -11.90 7.89 -3.53
CA VAL B 149 -11.37 6.97 -4.51
C VAL B 149 -9.88 7.26 -4.74
N MET B 150 -9.02 6.37 -4.25
CA MET B 150 -7.60 6.62 -4.31
C MET B 150 -6.94 5.29 -4.51
N ASN B 151 -5.92 5.26 -5.37
CA ASN B 151 -5.22 4.01 -5.60
C ASN B 151 -6.23 2.86 -5.82
N ASP B 152 -7.11 2.99 -6.83
CA ASP B 152 -7.85 1.86 -7.39
C ASP B 152 -8.88 1.29 -6.40
N THR B 153 -9.25 2.07 -5.38
CA THR B 153 -10.03 1.63 -4.24
C THR B 153 -11.12 2.67 -3.92
N VAL B 154 -12.35 2.20 -3.68
CA VAL B 154 -13.46 3.03 -3.24
C VAL B 154 -13.53 2.88 -1.73
N LEU B 155 -13.22 3.93 -0.96
CA LEU B 155 -13.28 3.94 0.50
C LEU B 155 -14.44 4.81 0.99
N ASP B 156 -15.16 4.37 2.03
CA ASP B 156 -16.19 5.20 2.67
C ASP B 156 -15.55 6.36 3.44
N GLY B 157 -16.24 7.51 3.51
CA GLY B 157 -15.75 8.72 4.14
C GLY B 157 -15.63 8.61 5.66
N ARG B 158 -16.47 7.78 6.29
CA ARG B 158 -16.39 7.59 7.73
C ARG B 158 -15.03 6.99 8.14
N ASP B 159 -14.58 5.89 7.50
CA ASP B 159 -13.42 5.15 7.98
C ASP B 159 -12.14 5.52 7.23
N VAL B 160 -12.26 6.01 5.98
CA VAL B 160 -11.10 6.35 5.20
C VAL B 160 -10.17 7.17 6.10
N THR B 161 -8.90 6.77 6.20
CA THR B 161 -7.93 7.63 6.85
C THR B 161 -6.59 7.47 6.16
N LYS B 162 -5.72 8.46 6.36
CA LYS B 162 -4.44 8.52 5.69
C LYS B 162 -3.39 7.91 6.62
N THR B 163 -2.86 6.74 6.20
CA THR B 163 -2.07 5.86 7.04
C THR B 163 -0.57 6.12 6.84
N ASN B 164 -0.21 6.68 5.67
CA ASN B 164 1.19 6.97 5.37
C ASN B 164 1.36 8.43 4.94
N THR B 165 2.57 8.97 5.16
CA THR B 165 2.88 10.35 4.85
C THR B 165 3.12 10.55 3.37
N THR B 166 3.62 9.53 2.65
CA THR B 166 4.10 9.74 1.28
C THR B 166 3.60 8.68 0.30
N ASP B 167 3.23 7.46 0.75
CA ASP B 167 2.86 6.40 -0.16
C ASP B 167 1.62 6.79 -0.96
N VAL B 168 1.59 6.46 -2.26
CA VAL B 168 0.39 6.66 -3.07
C VAL B 168 -0.77 5.77 -2.56
N ALA B 169 -0.45 4.73 -1.80
CA ALA B 169 -1.50 3.85 -1.32
C ALA B 169 -1.91 4.24 0.09
N THR B 170 -1.58 5.46 0.52
CA THR B 170 -1.79 5.87 1.90
C THR B 170 -3.23 5.71 2.39
N PHE B 171 -4.23 5.90 1.53
CA PHE B 171 -5.62 5.91 1.98
C PHE B 171 -6.15 4.47 2.09
N LYS B 172 -6.71 4.21 3.27
CA LYS B 172 -7.10 2.86 3.64
C LYS B 172 -8.20 3.01 4.66
N SER B 173 -9.20 2.14 4.60
CA SER B 173 -10.21 2.15 5.63
C SER B 173 -9.81 1.13 6.70
N VAL B 174 -9.15 1.62 7.74
CA VAL B 174 -8.27 0.80 8.57
C VAL B 174 -9.01 -0.06 9.59
N ASN B 175 -10.34 0.10 9.78
CA ASN B 175 -11.07 -0.79 10.67
C ASN B 175 -12.05 -1.71 9.94
N TYR B 176 -12.86 -1.18 9.03
CA TYR B 176 -13.86 -2.02 8.38
C TYR B 176 -13.50 -2.28 6.91
N GLY B 177 -12.45 -1.63 6.38
CA GLY B 177 -11.96 -1.91 5.04
C GLY B 177 -12.71 -1.17 3.94
N PRO B 178 -12.34 -1.40 2.66
CA PRO B 178 -12.91 -0.67 1.53
C PRO B 178 -14.27 -1.21 1.11
N LEU B 179 -14.86 -0.54 0.12
CA LEU B 179 -16.21 -0.86 -0.34
C LEU B 179 -16.13 -1.62 -1.65
N GLY B 180 -15.15 -1.32 -2.48
CA GLY B 180 -14.98 -2.03 -3.75
C GLY B 180 -13.70 -1.60 -4.41
N TYR B 181 -13.25 -2.39 -5.38
CA TYR B 181 -12.01 -2.11 -6.07
C TYR B 181 -12.35 -1.79 -7.52
N ILE B 182 -11.39 -1.16 -8.20
CA ILE B 182 -11.60 -0.64 -9.54
C ILE B 182 -10.58 -1.37 -10.39
N HIS B 183 -11.10 -2.12 -11.33
CA HIS B 183 -10.32 -2.68 -12.41
C HIS B 183 -11.05 -2.31 -13.69
N ASN B 184 -10.30 -1.64 -14.62
CA ASN B 184 -10.66 -1.60 -16.01
C ASN B 184 -11.87 -0.69 -16.16
N GLY B 185 -11.98 0.33 -15.30
CA GLY B 185 -13.14 1.22 -15.35
C GLY B 185 -14.45 0.60 -14.84
N LYS B 186 -14.34 -0.56 -14.17
CA LYS B 186 -15.47 -1.20 -13.52
C LYS B 186 -15.18 -1.44 -12.03
N ILE B 187 -16.22 -1.34 -11.24
CA ILE B 187 -16.11 -1.52 -9.81
C ILE B 187 -16.94 -2.73 -9.44
N ASP B 188 -16.33 -3.64 -8.67
CA ASP B 188 -17.03 -4.65 -7.91
C ASP B 188 -17.06 -4.17 -6.48
N TYR B 189 -18.24 -3.63 -6.11
CA TYR B 189 -18.53 -3.25 -4.74
C TYR B 189 -18.92 -4.50 -3.98
N GLN B 190 -18.35 -4.68 -2.76
CA GLN B 190 -18.73 -5.78 -1.88
C GLN B 190 -19.19 -5.33 -0.49
N ARG B 191 -19.08 -4.04 -0.18
CA ARG B 191 -19.30 -3.49 1.14
C ARG B 191 -19.98 -2.14 0.99
N THR B 192 -20.78 -1.75 2.00
CA THR B 192 -21.47 -0.47 2.04
C THR B 192 -21.57 -0.08 3.50
N PRO B 193 -21.40 1.21 3.86
CA PRO B 193 -21.37 1.60 5.27
C PRO B 193 -22.74 1.46 5.95
N ALA B 194 -22.72 1.00 7.21
CA ALA B 194 -23.92 0.62 7.96
C ALA B 194 -24.35 1.77 8.85
N ARG B 195 -23.39 2.53 9.38
CA ARG B 195 -23.68 3.80 10.01
C ARG B 195 -24.44 4.71 9.04
N LYS B 196 -25.42 5.43 9.62
CA LYS B 196 -26.25 6.42 8.95
C LYS B 196 -25.39 7.53 8.35
N HIS B 197 -25.76 7.92 7.13
CA HIS B 197 -24.99 8.88 6.36
C HIS B 197 -25.92 9.69 5.45
N THR B 198 -25.35 10.76 4.90
CA THR B 198 -25.95 11.73 3.99
C THR B 198 -27.41 12.04 4.38
N SER B 199 -28.39 11.49 3.64
CA SER B 199 -29.77 11.93 3.80
C SER B 199 -30.39 11.38 5.08
N ASP B 200 -29.73 10.41 5.75
CA ASP B 200 -30.33 9.66 6.85
C ASP B 200 -29.93 10.26 8.18
N THR B 201 -29.17 11.37 8.15
CA THR B 201 -28.81 12.10 9.35
C THR B 201 -29.78 13.25 9.59
N PRO B 202 -29.80 13.83 10.80
CA PRO B 202 -30.50 15.10 11.03
C PRO B 202 -29.70 16.36 10.71
N PHE B 203 -28.39 16.23 10.44
CA PHE B 203 -27.56 17.42 10.29
C PHE B 203 -28.03 18.19 9.06
N ASP B 204 -27.95 19.51 9.17
CA ASP B 204 -28.50 20.41 8.18
C ASP B 204 -27.71 21.71 8.24
N VAL B 205 -26.81 21.94 7.29
CA VAL B 205 -25.94 23.10 7.47
C VAL B 205 -26.44 24.25 6.60
N SER B 206 -27.61 24.06 5.96
CA SER B 206 -28.10 24.90 4.88
C SER B 206 -28.02 26.38 5.23
N LYS B 207 -28.41 26.71 6.47
CA LYS B 207 -28.64 28.08 6.91
C LYS B 207 -27.53 28.57 7.85
N LEU B 208 -26.37 27.86 7.85
CA LEU B 208 -25.34 28.01 8.87
C LEU B 208 -24.13 28.73 8.31
N ASN B 209 -23.59 29.69 9.05
CA ASN B 209 -22.47 30.48 8.55
C ASN B 209 -21.20 30.18 9.33
N GLU B 210 -21.27 29.21 10.25
CA GLU B 210 -20.17 28.85 11.12
C GLU B 210 -20.55 27.62 11.93
N LEU B 211 -19.55 26.99 12.56
CA LEU B 211 -19.76 25.74 13.26
C LEU B 211 -19.25 25.84 14.69
N PRO B 212 -19.92 25.16 15.64
CA PRO B 212 -19.53 25.18 17.06
C PRO B 212 -18.05 24.87 17.22
N LYS B 213 -17.29 25.81 17.77
CA LYS B 213 -15.85 25.65 17.92
C LYS B 213 -15.56 24.33 18.64
N VAL B 214 -14.67 23.51 18.05
CA VAL B 214 -14.23 22.24 18.62
C VAL B 214 -12.73 22.12 18.39
N GLY B 215 -11.99 21.70 19.42
CA GLY B 215 -10.55 21.55 19.33
C GLY B 215 -10.07 20.19 19.83
N ILE B 216 -8.77 19.94 19.68
CA ILE B 216 -8.19 18.63 19.87
C ILE B 216 -6.95 18.77 20.74
N VAL B 217 -6.88 17.97 21.80
CA VAL B 217 -5.67 17.92 22.60
C VAL B 217 -5.08 16.53 22.43
N TYR B 218 -3.76 16.49 22.51
CA TYR B 218 -3.04 15.25 22.37
C TYR B 218 -2.52 14.82 23.74
N ASN B 219 -2.70 13.54 24.04
CA ASN B 219 -2.18 12.97 25.27
C ASN B 219 -0.88 12.25 24.99
N TYR B 220 0.08 12.45 25.88
CA TYR B 220 1.35 11.76 25.80
C TYR B 220 1.81 11.69 27.24
N ALA B 221 3.03 11.16 27.47
CA ALA B 221 3.68 11.15 28.77
C ALA B 221 3.96 12.59 29.18
N ASN B 222 3.57 12.88 30.42
CA ASN B 222 3.81 14.19 31.01
C ASN B 222 3.02 15.27 30.28
N ALA B 223 1.86 14.90 29.70
CA ALA B 223 1.04 15.81 28.93
C ALA B 223 0.73 17.08 29.72
N SER B 224 0.71 18.20 29.00
CA SER B 224 0.44 19.51 29.55
C SER B 224 -1.06 19.73 29.48
N ASP B 225 -1.60 20.31 30.56
CA ASP B 225 -3.00 20.69 30.64
C ASP B 225 -3.21 22.04 29.94
N LEU B 226 -2.11 22.63 29.45
CA LEU B 226 -2.14 23.98 28.91
C LEU B 226 -2.96 24.03 27.62
N PRO B 227 -2.78 23.11 26.65
CA PRO B 227 -3.67 23.05 25.48
C PRO B 227 -5.16 22.96 25.82
N ALA B 228 -5.48 22.11 26.79
CA ALA B 228 -6.87 21.89 27.18
C ALA B 228 -7.43 23.15 27.82
N LYS B 229 -6.62 23.76 28.71
CA LYS B 229 -7.09 24.84 29.57
C LYS B 229 -7.38 26.04 28.66
N ALA B 230 -6.44 26.26 27.75
CA ALA B 230 -6.54 27.25 26.68
C ALA B 230 -7.88 27.18 25.99
N LEU B 231 -8.27 25.98 25.57
CA LEU B 231 -9.45 25.86 24.74
C LEU B 231 -10.69 26.20 25.56
N VAL B 232 -10.68 25.98 26.88
CA VAL B 232 -11.88 26.21 27.67
C VAL B 232 -11.93 27.71 28.00
N ASP B 233 -10.78 28.31 28.32
CA ASP B 233 -10.70 29.76 28.53
C ASP B 233 -11.47 30.49 27.41
N ALA B 234 -11.25 30.02 26.18
CA ALA B 234 -11.72 30.67 24.98
C ALA B 234 -13.17 30.27 24.67
N GLY B 235 -13.74 29.38 25.50
CA GLY B 235 -15.17 29.13 25.53
C GLY B 235 -15.60 28.10 24.48
N TYR B 236 -14.65 27.22 24.11
CA TYR B 236 -14.89 26.17 23.12
C TYR B 236 -16.10 25.38 23.56
N ASP B 237 -16.94 25.05 22.58
CA ASP B 237 -18.17 24.29 22.78
C ASP B 237 -17.84 22.80 22.93
N GLY B 238 -16.60 22.42 22.56
CA GLY B 238 -16.24 21.01 22.54
C GLY B 238 -14.73 20.79 22.53
N ILE B 239 -14.29 19.80 23.28
CA ILE B 239 -12.91 19.36 23.17
C ILE B 239 -12.96 17.88 22.83
N VAL B 240 -12.14 17.50 21.84
CA VAL B 240 -11.88 16.11 21.54
C VAL B 240 -10.50 15.77 22.12
N SER B 241 -10.46 14.68 22.91
CA SER B 241 -9.21 14.15 23.45
C SER B 241 -8.54 13.16 22.52
N ALA B 242 -7.30 13.46 22.13
CA ALA B 242 -6.47 12.49 21.45
C ALA B 242 -5.69 11.73 22.52
N GLY B 243 -6.38 10.69 23.01
CA GLY B 243 -5.95 9.94 24.18
C GLY B 243 -5.02 8.78 23.84
N VAL B 244 -4.35 8.25 24.89
CA VAL B 244 -3.41 7.14 24.77
C VAL B 244 -4.21 5.86 24.89
N GLY B 245 -3.79 4.82 24.15
CA GLY B 245 -4.46 3.54 24.17
C GLY B 245 -5.95 3.69 23.90
N ASN B 246 -6.78 3.01 24.72
CA ASN B 246 -8.22 3.04 24.54
C ASN B 246 -8.75 4.32 25.18
N GLY B 247 -8.19 5.46 24.72
CA GLY B 247 -8.77 6.78 24.92
C GLY B 247 -8.51 7.34 26.31
N ASN B 248 -7.34 7.05 26.88
CA ASN B 248 -7.09 7.48 28.24
C ASN B 248 -6.43 8.85 28.20
N LEU B 249 -6.53 9.58 29.31
CA LEU B 249 -5.98 10.93 29.38
C LEU B 249 -4.85 10.95 30.42
N TYR B 250 -4.05 12.01 30.41
CA TYR B 250 -3.10 12.18 31.50
C TYR B 250 -3.87 12.78 32.68
N LYS B 251 -3.31 12.66 33.89
CA LYS B 251 -3.98 13.08 35.12
C LYS B 251 -4.44 14.53 34.94
N THR B 252 -3.53 15.44 34.53
CA THR B 252 -3.87 16.85 34.43
C THR B 252 -4.92 17.08 33.34
N VAL B 253 -4.78 16.44 32.16
CA VAL B 253 -5.70 16.70 31.06
C VAL B 253 -7.09 16.15 31.41
N PHE B 254 -7.09 15.02 32.17
CA PHE B 254 -8.27 14.41 32.74
C PHE B 254 -9.04 15.44 33.55
N ASP B 255 -8.41 16.00 34.59
CA ASP B 255 -9.10 16.86 35.54
C ASP B 255 -9.66 18.08 34.80
N THR B 256 -8.80 18.74 34.03
CA THR B 256 -9.24 19.90 33.27
C THR B 256 -10.53 19.56 32.49
N LEU B 257 -10.53 18.42 31.79
CA LEU B 257 -11.68 18.07 30.98
C LEU B 257 -12.85 17.58 31.83
N ALA B 258 -12.55 16.95 32.97
CA ALA B 258 -13.60 16.51 33.88
C ALA B 258 -14.40 17.71 34.38
N THR B 259 -13.70 18.83 34.65
CA THR B 259 -14.25 20.13 35.01
C THR B 259 -15.10 20.65 33.86
N ALA B 260 -14.42 20.77 32.71
CA ALA B 260 -15.03 21.29 31.50
C ALA B 260 -16.33 20.57 31.21
N ALA B 261 -16.38 19.28 31.52
CA ALA B 261 -17.59 18.52 31.23
C ALA B 261 -18.70 19.00 32.16
N LYS B 262 -18.35 19.33 33.39
CA LYS B 262 -19.34 19.75 34.38
C LYS B 262 -19.74 21.21 34.10
N ASN B 263 -18.94 21.93 33.29
CA ASN B 263 -19.21 23.33 32.99
C ASN B 263 -19.53 23.51 31.51
N GLY B 264 -20.30 22.57 30.92
CA GLY B 264 -20.96 22.80 29.64
C GLY B 264 -20.15 22.36 28.40
N THR B 265 -18.83 22.27 28.51
CA THR B 265 -18.06 21.74 27.39
C THR B 265 -18.43 20.27 27.16
N ALA B 266 -18.78 19.90 25.92
CA ALA B 266 -18.77 18.49 25.55
C ALA B 266 -17.31 18.02 25.45
N VAL B 267 -17.04 16.83 26.02
CA VAL B 267 -15.74 16.20 25.90
C VAL B 267 -15.96 14.80 25.33
N VAL B 268 -15.24 14.53 24.22
CA VAL B 268 -15.24 13.24 23.56
C VAL B 268 -13.83 12.64 23.62
N ARG B 269 -13.75 11.44 24.21
CA ARG B 269 -12.56 10.61 24.23
C ARG B 269 -12.41 9.84 22.92
N SER B 270 -11.26 10.06 22.28
CA SER B 270 -10.81 9.31 21.13
C SER B 270 -9.36 8.94 21.41
N SER B 271 -8.67 8.48 20.37
CA SER B 271 -7.34 7.94 20.54
C SER B 271 -6.39 8.37 19.41
N ARG B 272 -5.17 8.74 19.83
CA ARG B 272 -4.03 8.92 18.95
C ARG B 272 -3.69 7.59 18.26
N VAL B 273 -4.04 6.47 18.90
CA VAL B 273 -3.82 5.14 18.34
C VAL B 273 -4.55 5.03 17.01
N PRO B 274 -3.85 4.64 15.92
CA PRO B 274 -4.42 4.72 14.57
C PRO B 274 -5.57 3.81 14.18
N THR B 275 -5.72 2.64 14.82
CA THR B 275 -6.84 1.76 14.50
C THR B 275 -7.60 1.40 15.77
N GLY B 276 -8.88 1.03 15.62
CA GLY B 276 -9.65 0.48 16.72
C GLY B 276 -10.50 1.49 17.50
N ALA B 277 -11.51 0.96 18.18
CA ALA B 277 -12.50 1.78 18.86
C ALA B 277 -11.90 2.38 20.12
N THR B 278 -12.32 3.63 20.41
CA THR B 278 -12.35 4.10 21.78
C THR B 278 -13.66 3.61 22.40
N THR B 279 -13.52 2.75 23.42
CA THR B 279 -14.67 2.03 23.95
C THR B 279 -15.09 2.73 25.23
N GLN B 280 -16.36 2.48 25.59
CA GLN B 280 -16.86 2.70 26.94
C GLN B 280 -16.63 1.43 27.78
N ASP B 281 -16.88 1.60 29.07
CA ASP B 281 -16.74 0.48 29.98
C ASP B 281 -15.31 -0.04 29.87
N ALA B 282 -14.32 0.85 29.74
CA ALA B 282 -12.93 0.41 29.87
C ALA B 282 -12.36 1.01 31.15
N GLU B 283 -11.31 1.83 31.09
CA GLU B 283 -10.68 2.34 32.31
C GLU B 283 -11.26 3.70 32.74
N VAL B 284 -12.27 4.22 32.05
CA VAL B 284 -12.73 5.57 32.29
C VAL B 284 -14.25 5.61 32.32
N ASP B 285 -14.82 5.92 33.49
CA ASP B 285 -16.27 5.82 33.59
C ASP B 285 -16.81 7.09 32.95
N ASP B 286 -17.35 6.91 31.74
CA ASP B 286 -17.72 8.01 30.86
C ASP B 286 -18.98 8.68 31.41
N ALA B 287 -19.92 7.87 31.96
CA ALA B 287 -21.15 8.42 32.48
C ALA B 287 -20.83 9.32 33.68
N LYS B 288 -19.88 8.86 34.50
CA LYS B 288 -19.54 9.51 35.75
C LYS B 288 -19.03 10.93 35.49
N TYR B 289 -18.11 11.08 34.52
CA TYR B 289 -17.53 12.37 34.20
C TYR B 289 -18.28 13.12 33.09
N GLY B 290 -19.31 12.52 32.49
CA GLY B 290 -20.06 13.13 31.40
C GLY B 290 -19.30 13.18 30.07
N PHE B 291 -18.42 12.20 29.80
CA PHE B 291 -17.62 12.17 28.59
C PHE B 291 -18.33 11.35 27.51
N VAL B 292 -17.82 11.42 26.27
CA VAL B 292 -18.34 10.58 25.19
C VAL B 292 -17.19 9.80 24.54
N ALA B 293 -17.40 8.49 24.32
CA ALA B 293 -16.41 7.64 23.68
C ALA B 293 -16.51 7.73 22.16
N SER B 294 -15.39 8.10 21.49
CA SER B 294 -15.45 8.45 20.08
C SER B 294 -15.64 7.23 19.16
N GLY B 295 -15.51 6.00 19.67
CA GLY B 295 -15.69 4.81 18.84
C GLY B 295 -14.54 4.69 17.85
N THR B 296 -14.81 4.19 16.63
CA THR B 296 -13.74 3.95 15.66
C THR B 296 -13.20 5.26 15.10
N LEU B 297 -13.90 6.38 15.34
CA LEU B 297 -13.53 7.71 14.86
C LEU B 297 -12.29 8.26 15.54
N ASN B 298 -11.20 8.43 14.79
CA ASN B 298 -10.00 9.05 15.33
C ASN B 298 -10.34 10.48 15.77
N PRO B 299 -9.40 11.22 16.38
CA PRO B 299 -9.67 12.58 16.85
C PRO B 299 -10.34 13.54 15.88
N GLN B 300 -9.67 13.77 14.74
CA GLN B 300 -10.10 14.74 13.74
C GLN B 300 -11.48 14.35 13.22
N LYS B 301 -11.75 13.06 13.18
CA LYS B 301 -13.01 12.60 12.66
C LYS B 301 -14.08 12.78 13.73
N ALA B 302 -13.66 12.64 14.99
CA ALA B 302 -14.53 12.85 16.13
C ALA B 302 -14.86 14.34 16.20
N ARG B 303 -13.87 15.18 15.92
CA ARG B 303 -14.09 16.61 15.86
C ARG B 303 -15.23 16.95 14.89
N VAL B 304 -15.31 16.24 13.77
CA VAL B 304 -16.28 16.58 12.74
C VAL B 304 -17.69 16.32 13.27
N LEU B 305 -17.86 15.12 13.85
CA LEU B 305 -19.14 14.66 14.36
C LEU B 305 -19.50 15.37 15.66
N LEU B 306 -18.49 15.86 16.40
CA LEU B 306 -18.79 16.60 17.61
C LEU B 306 -19.45 17.90 17.19
N GLN B 307 -18.79 18.66 16.30
CA GLN B 307 -19.32 19.93 15.81
C GLN B 307 -20.77 19.79 15.36
N LEU B 308 -21.05 18.78 14.52
CA LEU B 308 -22.37 18.62 13.94
C LEU B 308 -23.36 18.07 14.97
N ALA B 309 -22.88 17.39 16.02
CA ALA B 309 -23.73 16.94 17.10
C ALA B 309 -24.10 18.14 17.98
N LEU B 310 -23.08 18.94 18.32
CA LEU B 310 -23.26 20.18 19.04
C LEU B 310 -24.33 21.07 18.42
N THR B 311 -24.53 21.02 17.10
CA THR B 311 -25.57 21.85 16.50
C THR B 311 -26.91 21.14 16.62
N GLN B 312 -27.03 20.20 17.58
CA GLN B 312 -28.32 19.62 17.94
C GLN B 312 -28.55 19.67 19.45
N THR B 313 -27.48 19.65 20.26
CA THR B 313 -27.58 19.36 21.69
C THR B 313 -26.23 19.50 22.36
N LYS B 314 -26.28 19.67 23.68
CA LYS B 314 -25.09 19.87 24.49
C LYS B 314 -24.94 18.74 25.52
N ASP B 315 -25.86 17.75 25.47
CA ASP B 315 -26.05 16.74 26.52
C ASP B 315 -25.17 15.51 26.27
N PRO B 316 -24.28 15.10 27.21
CA PRO B 316 -23.44 13.92 27.01
C PRO B 316 -24.11 12.68 26.40
N GLN B 317 -25.35 12.34 26.79
CA GLN B 317 -25.93 11.06 26.41
C GLN B 317 -26.59 11.16 25.04
N GLN B 318 -27.05 12.35 24.66
CA GLN B 318 -27.60 12.52 23.33
C GLN B 318 -26.45 12.42 22.32
N ILE B 319 -25.28 12.95 22.69
CA ILE B 319 -24.10 12.93 21.84
C ILE B 319 -23.62 11.48 21.70
N GLN B 320 -23.44 10.76 22.82
CA GLN B 320 -22.98 9.38 22.75
C GLN B 320 -23.82 8.58 21.78
N GLN B 321 -25.13 8.85 21.75
CA GLN B 321 -26.07 8.13 20.91
C GLN B 321 -25.80 8.46 19.45
N ILE B 322 -25.29 9.68 19.21
CA ILE B 322 -24.92 10.11 17.87
C ILE B 322 -23.59 9.48 17.45
N PHE B 323 -22.66 9.28 18.40
CA PHE B 323 -21.43 8.54 18.12
C PHE B 323 -21.75 7.06 17.88
N ASN B 324 -22.82 6.54 18.47
CA ASN B 324 -23.20 5.16 18.22
C ASN B 324 -24.06 5.02 16.97
N GLN B 325 -24.48 6.12 16.33
CA GLN B 325 -25.42 5.97 15.23
C GLN B 325 -24.81 6.40 13.89
N TYR B 326 -23.79 7.28 13.93
CA TYR B 326 -23.31 8.02 12.78
C TYR B 326 -21.76 7.97 12.68
N ASP C . 2.84 -10.65 -16.16
CA ASP C . 3.70 -9.50 -15.80
C ASP C . 5.09 -10.08 -15.55
O ASP C . 5.90 -9.94 -16.46
CB ASP C . 3.21 -8.67 -14.63
CG ASP C . 3.94 -7.32 -14.41
OD1 ASP C . 5.16 -7.25 -14.75
OD2 ASP C . 3.31 -6.29 -13.90
OXT ASP C . 5.28 -10.68 -14.48
N ASP D . -0.55 19.44 1.42
CA ASP D . -1.32 18.72 0.38
C ASP D . -2.81 18.92 0.69
O ASP D . -3.35 19.94 0.20
CB ASP D . -0.92 17.26 0.25
CG ASP D . -1.45 16.58 -1.05
OD1 ASP D . -2.48 17.05 -1.59
OD2 ASP D . -0.78 15.64 -1.58
OXT ASP D . -3.37 18.07 1.41
#